data_9PLY
#
_entry.id   9PLY
#
_cell.length_a   49.350
_cell.length_b   88.600
_cell.length_c   73.409
_cell.angle_alpha   90.00
_cell.angle_beta   98.01
_cell.angle_gamma   90.00
#
_symmetry.space_group_name_H-M   'P 1 21 1'
#
loop_
_entity.id
_entity.type
_entity.pdbx_description
1 polymer 'DDB1- and CUL4-associated factor 1'
2 non-polymer (4P)-N-[(1S)-3-amino-1-(3-chloro-4-fluorophenyl)-3-oxopropyl]-4-(4-chloro-2-fluorophenyl)-5-{(1E)-3-[(3-methoxypropyl)amino]-3-oxoprop-1-en-1-yl}-1H-pyrrole-3-carboxamide
3 non-polymer 1,2-ETHANEDIOL
4 non-polymer 'UNKNOWN ATOM OR ION'
5 water water
#
_entity_poly.entity_id   1
_entity_poly.type   'polypeptide(L)'
_entity_poly.pdbx_seq_one_letter_code
;GASAFRPISVFREANEDESGFTCCAFSARERFLMLGTCTGQLKLYNVFSGQEEASYNCHNSAITHLEPSRDGSLLLTSAT
WSQPLSALWGMKSVFDMKHSFTEDHYVEFSKHSQDRVIGTKGDIAHIYDIQTGNKLLTLFNPDLANNYKRNCATFNPTDD
LVLNDGVLWDVRSAQAIHKFDKFNMNISGVFHPNGLEVIINTEIWDLRTFHLLHTVPALDQCRVVFNHTGTVMYGAMLQA
DDEDDLMEERMKSPFGSSFRTFNATDYKPIATIDVKRNIFDLCTDTKDCYLAVIENQGSMDALNMDTVCRLYEVG
;
_entity_poly.pdbx_strand_id   A,B
#
loop_
_chem_comp.id
_chem_comp.type
_chem_comp.name
_chem_comp.formula
A1CI0 non-polymer (4P)-N-[(1S)-3-amino-1-(3-chloro-4-fluorophenyl)-3-oxopropyl]-4-(4-chloro-2-fluorophenyl)-5-{(1E)-3-[(3-methoxypropyl)amino]-3-oxoprop-1-en-1-yl}-1H-pyrrole-3-carboxamide 'C27 H26 Cl2 F2 N4 O4'
EDO non-polymer 1,2-ETHANEDIOL 'C2 H6 O2'
UNX non-polymer 'UNKNOWN ATOM OR ION' ?
#
# COMPACT_ATOMS: atom_id res chain seq x y z
N ALA A 4 2.08 -2.34 -16.25
CA ALA A 4 1.51 -1.48 -17.31
C ALA A 4 0.45 -0.55 -16.70
N PHE A 5 -0.24 0.19 -17.58
CA PHE A 5 -1.40 0.97 -17.19
C PHE A 5 -2.55 0.68 -18.14
N ARG A 6 -3.47 -0.17 -17.69
CA ARG A 6 -4.58 -0.58 -18.53
C ARG A 6 -5.79 0.29 -18.22
N PRO A 7 -6.30 1.06 -19.21
CA PRO A 7 -7.54 1.79 -19.01
C PRO A 7 -8.67 0.84 -18.66
N ILE A 8 -9.47 1.18 -17.64
CA ILE A 8 -10.63 0.36 -17.36
C ILE A 8 -11.91 1.19 -17.37
N SER A 9 -11.80 2.51 -17.31
CA SER A 9 -13.01 3.32 -17.41
CA SER A 9 -12.99 3.36 -17.19
C SER A 9 -12.68 4.76 -17.71
N VAL A 10 -13.70 5.45 -18.20
CA VAL A 10 -13.59 6.84 -18.56
C VAL A 10 -14.93 7.50 -18.26
N PHE A 11 -14.89 8.76 -17.82
CA PHE A 11 -16.13 9.50 -17.67
C PHE A 11 -15.88 10.99 -17.78
N ARG A 12 -16.96 11.71 -18.03
CA ARG A 12 -16.92 13.15 -18.16
C ARG A 12 -17.82 13.75 -17.09
N GLU A 13 -17.80 15.07 -17.00
CA GLU A 13 -18.69 15.76 -16.10
C GLU A 13 -20.12 15.62 -16.61
N ALA A 14 -20.94 14.97 -15.79
CA ALA A 14 -22.26 14.51 -16.22
C ALA A 14 -23.15 15.69 -16.63
N ASN A 15 -23.66 15.62 -17.87
CA ASN A 15 -24.77 16.45 -18.32
C ASN A 15 -24.32 17.87 -18.61
N GLU A 16 -23.01 18.12 -18.63
CA GLU A 16 -22.47 19.42 -19.01
C GLU A 16 -22.08 19.38 -20.49
N ASP A 17 -22.43 20.45 -21.22
CA ASP A 17 -22.02 20.59 -22.60
C ASP A 17 -20.50 20.43 -22.69
N GLU A 18 -19.79 21.26 -21.92
CA GLU A 18 -18.34 21.18 -21.81
C GLU A 18 -17.99 20.59 -20.46
N SER A 19 -17.32 19.44 -20.48
CA SER A 19 -16.86 18.80 -19.27
C SER A 19 -15.66 19.55 -18.72
N GLY A 20 -15.71 19.88 -17.43
CA GLY A 20 -14.79 20.87 -16.87
C GLY A 20 -13.92 20.33 -15.74
N PHE A 21 -13.72 19.02 -15.65
CA PHE A 21 -12.81 18.50 -14.64
C PHE A 21 -11.41 19.12 -14.81
N THR A 22 -10.79 19.52 -13.69
CA THR A 22 -9.46 20.12 -13.73
C THR A 22 -8.48 19.40 -12.82
N CYS A 23 -8.94 18.74 -11.76
CA CYS A 23 -8.04 18.14 -10.81
C CYS A 23 -8.77 17.03 -10.08
N CYS A 24 -8.02 16.15 -9.40
CA CYS A 24 -8.65 15.02 -8.77
C CYS A 24 -7.80 14.45 -7.65
N ALA A 25 -8.49 13.76 -6.74
CA ALA A 25 -7.87 12.99 -5.68
C ALA A 25 -8.86 11.91 -5.26
N PHE A 26 -8.34 10.73 -4.93
CA PHE A 26 -9.20 9.68 -4.40
C PHE A 26 -9.67 10.10 -3.01
N SER A 27 -10.95 9.87 -2.75
CA SER A 27 -11.50 10.15 -1.43
C SER A 27 -11.10 9.04 -0.48
N ALA A 28 -11.35 9.28 0.82
CA ALA A 28 -11.10 8.28 1.85
C ALA A 28 -12.08 7.11 1.68
N ARG A 29 -13.26 7.40 1.13
CA ARG A 29 -14.24 6.37 0.80
C ARG A 29 -13.80 5.65 -0.47
N GLU A 30 -13.64 4.32 -0.37
CA GLU A 30 -13.27 3.51 -1.52
C GLU A 30 -14.33 3.64 -2.61
N ARG A 31 -13.86 3.64 -3.86
CA ARG A 31 -14.70 3.65 -5.06
C ARG A 31 -15.05 5.08 -5.47
N PHE A 32 -14.65 6.09 -4.67
CA PHE A 32 -15.01 7.47 -4.95
C PHE A 32 -13.79 8.33 -5.24
N LEU A 33 -13.96 9.21 -6.23
CA LEU A 33 -12.96 10.19 -6.63
C LEU A 33 -13.56 11.57 -6.44
N MET A 34 -12.75 12.48 -5.92
CA MET A 34 -13.13 13.89 -5.85
C MET A 34 -12.48 14.62 -7.01
N LEU A 35 -13.25 15.47 -7.69
CA LEU A 35 -12.77 16.21 -8.84
C LEU A 35 -13.14 17.68 -8.67
N GLY A 36 -12.17 18.55 -8.87
CA GLY A 36 -12.44 19.96 -9.02
C GLY A 36 -12.79 20.29 -10.46
N THR A 37 -13.50 21.41 -10.67
CA THR A 37 -13.92 21.80 -12.01
C THR A 37 -13.53 23.24 -12.34
N CYS A 38 -13.63 23.54 -13.62
CA CYS A 38 -13.21 24.84 -14.11
C CYS A 38 -14.22 25.93 -13.76
N THR A 39 -15.37 25.55 -13.18
CA THR A 39 -16.33 26.54 -12.72
C THR A 39 -16.33 26.62 -11.19
N GLY A 40 -15.37 25.95 -10.54
CA GLY A 40 -15.12 26.17 -9.13
C GLY A 40 -15.87 25.18 -8.24
N GLN A 41 -16.41 24.10 -8.82
CA GLN A 41 -17.13 23.11 -8.03
C GLN A 41 -16.24 21.94 -7.66
N LEU A 42 -16.65 21.26 -6.59
CA LEU A 42 -16.08 19.99 -6.20
C LEU A 42 -17.13 18.91 -6.42
N LYS A 43 -16.77 17.88 -7.17
CA LYS A 43 -17.69 16.79 -7.47
C LYS A 43 -17.16 15.51 -6.83
N LEU A 44 -18.08 14.67 -6.36
CA LEU A 44 -17.75 13.33 -5.95
C LEU A 44 -18.34 12.37 -6.98
N TYR A 45 -17.48 11.50 -7.53
CA TYR A 45 -17.88 10.53 -8.54
C TYR A 45 -17.57 9.13 -8.04
N ASN A 46 -18.45 8.19 -8.39
CA ASN A 46 -18.11 6.78 -8.39
C ASN A 46 -17.15 6.51 -9.54
N VAL A 47 -15.92 6.13 -9.22
CA VAL A 47 -14.85 6.19 -10.21
C VAL A 47 -14.99 5.03 -11.20
N PHE A 48 -15.69 3.97 -10.80
CA PHE A 48 -15.85 2.79 -11.64
C PHE A 48 -17.06 2.91 -12.56
N SER A 49 -18.16 3.47 -12.03
CA SER A 49 -19.39 3.60 -12.80
C SER A 49 -19.40 4.92 -13.57
N GLY A 50 -18.56 5.87 -13.13
CA GLY A 50 -18.47 7.16 -13.77
C GLY A 50 -19.65 8.06 -13.45
N GLN A 51 -20.41 7.73 -12.41
CA GLN A 51 -21.62 8.48 -12.09
C GLN A 51 -21.35 9.50 -10.99
N GLU A 52 -21.89 10.70 -11.17
CA GLU A 52 -21.79 11.74 -10.18
C GLU A 52 -22.66 11.39 -8.97
N GLU A 53 -22.08 11.60 -7.78
N GLU A 53 -22.16 11.63 -7.75
CA GLU A 53 -22.72 11.35 -6.50
CA GLU A 53 -22.98 11.40 -6.57
C GLU A 53 -23.20 12.66 -5.87
C GLU A 53 -23.21 12.67 -5.76
N ALA A 54 -22.28 13.62 -5.79
CA ALA A 54 -22.49 14.86 -5.05
C ALA A 54 -21.71 16.01 -5.67
N SER A 55 -22.15 17.23 -5.36
CA SER A 55 -21.53 18.43 -5.88
C SER A 55 -21.56 19.51 -4.82
N TYR A 56 -20.46 20.29 -4.75
CA TYR A 56 -20.31 21.37 -3.79
C TYR A 56 -19.73 22.58 -4.51
N ASN A 57 -20.07 23.76 -4.00
CA ASN A 57 -19.58 25.01 -4.54
C ASN A 57 -18.43 25.51 -3.68
N CYS A 58 -17.25 25.68 -4.30
CA CYS A 58 -16.05 26.03 -3.57
C CYS A 58 -15.52 27.41 -3.95
N HIS A 59 -15.38 27.67 -5.25
CA HIS A 59 -14.76 28.90 -5.72
C HIS A 59 -15.55 29.48 -6.89
N ASN A 60 -15.30 30.76 -7.19
CA ASN A 60 -15.94 31.41 -8.33
C ASN A 60 -15.00 31.45 -9.53
N SER A 61 -13.97 30.60 -9.50
CA SER A 61 -13.09 30.40 -10.64
C SER A 61 -12.59 28.96 -10.60
N ALA A 62 -11.86 28.57 -11.66
CA ALA A 62 -11.44 27.19 -11.84
C ALA A 62 -10.61 26.74 -10.64
N ILE A 63 -10.91 25.52 -10.16
CA ILE A 63 -10.06 24.86 -9.18
C ILE A 63 -8.82 24.33 -9.90
N THR A 64 -7.63 24.64 -9.36
CA THR A 64 -6.38 24.23 -9.99
C THR A 64 -5.88 22.93 -9.37
N HIS A 65 -6.09 22.77 -8.07
CA HIS A 65 -5.46 21.70 -7.32
C HIS A 65 -6.28 21.46 -6.06
N LEU A 66 -6.29 20.22 -5.59
CA LEU A 66 -6.92 19.94 -4.32
C LEU A 66 -6.17 18.81 -3.61
N GLU A 67 -6.41 18.70 -2.30
CA GLU A 67 -5.78 17.68 -1.50
C GLU A 67 -6.71 17.35 -0.33
N PRO A 68 -7.20 16.09 -0.24
CA PRO A 68 -7.90 15.65 0.94
C PRO A 68 -6.94 15.26 2.06
N SER A 69 -7.36 15.48 3.29
CA SER A 69 -6.62 14.96 4.43
C SER A 69 -6.80 13.44 4.45
N ARG A 70 -5.83 12.75 5.05
CA ARG A 70 -5.87 11.29 5.08
C ARG A 70 -7.09 10.80 5.86
N ASP A 71 -7.54 11.56 6.86
CA ASP A 71 -8.60 11.10 7.76
C ASP A 71 -9.98 11.32 7.15
N GLY A 72 -10.06 12.07 6.03
CA GLY A 72 -11.31 12.23 5.30
C GLY A 72 -12.11 13.44 5.79
N SER A 73 -11.57 14.19 6.75
CA SER A 73 -12.34 15.21 7.44
C SER A 73 -12.15 16.59 6.80
N LEU A 74 -11.04 16.78 6.06
CA LEU A 74 -10.66 18.09 5.57
C LEU A 74 -10.24 18.00 4.11
N LEU A 75 -10.38 19.13 3.42
CA LEU A 75 -9.99 19.25 2.02
C LEU A 75 -9.37 20.63 1.81
N LEU A 76 -8.24 20.66 1.10
CA LEU A 76 -7.67 21.89 0.60
C LEU A 76 -8.02 22.06 -0.87
N THR A 77 -8.39 23.28 -1.26
CA THR A 77 -8.58 23.63 -2.66
C THR A 77 -7.81 24.90 -2.95
N SER A 78 -7.39 25.04 -4.22
CA SER A 78 -6.86 26.28 -4.75
C SER A 78 -7.58 26.60 -6.05
N ALA A 79 -7.73 27.90 -6.33
CA ALA A 79 -8.42 28.36 -7.52
C ALA A 79 -7.51 29.32 -8.30
N THR A 80 -8.05 29.92 -9.36
N THR A 80 -8.02 29.90 -9.38
CA THR A 80 -7.26 30.62 -10.36
CA THR A 80 -7.20 30.62 -10.34
C THR A 80 -7.18 32.11 -10.03
C THR A 80 -7.17 32.12 -10.00
N TRP A 81 -8.34 32.74 -9.84
CA TRP A 81 -8.40 34.19 -9.66
C TRP A 81 -9.48 34.58 -8.64
N SER A 82 -9.80 33.66 -7.73
CA SER A 82 -10.77 33.93 -6.68
C SER A 82 -10.08 34.64 -5.53
N GLN A 83 -10.88 35.33 -4.72
CA GLN A 83 -10.48 35.77 -3.39
C GLN A 83 -11.41 35.24 -2.32
N PRO A 84 -11.04 34.19 -1.55
CA PRO A 84 -9.67 33.72 -1.43
C PRO A 84 -9.21 32.75 -2.52
N LEU A 85 -7.89 32.65 -2.71
CA LEU A 85 -7.31 31.82 -3.75
C LEU A 85 -7.29 30.37 -3.31
N SER A 86 -7.07 30.12 -2.01
CA SER A 86 -7.07 28.76 -1.47
C SER A 86 -7.95 28.72 -0.23
N ALA A 87 -8.44 27.52 0.10
CA ALA A 87 -9.33 27.36 1.24
C ALA A 87 -9.23 25.96 1.81
N LEU A 88 -9.66 25.85 3.07
CA LEU A 88 -9.76 24.59 3.79
C LEU A 88 -11.23 24.34 4.10
N TRP A 89 -11.69 23.14 3.74
CA TRP A 89 -13.09 22.74 3.86
C TRP A 89 -13.18 21.60 4.85
N GLY A 90 -14.23 21.63 5.67
CA GLY A 90 -14.63 20.48 6.45
C GLY A 90 -15.55 19.58 5.62
N MET A 91 -15.36 18.26 5.74
CA MET A 91 -16.15 17.30 4.98
C MET A 91 -16.75 16.26 5.92
N LYS A 92 -17.07 16.67 7.16
CA LYS A 92 -17.74 15.79 8.11
C LYS A 92 -19.25 15.91 7.91
N SER A 93 -19.95 16.45 8.92
CA SER A 93 -21.40 16.51 8.91
C SER A 93 -21.90 17.38 7.76
N VAL A 94 -21.39 18.62 7.69
CA VAL A 94 -21.73 19.55 6.63
C VAL A 94 -20.45 19.98 5.93
N PHE A 95 -20.52 20.12 4.61
CA PHE A 95 -19.44 20.69 3.84
C PHE A 95 -19.44 22.20 4.02
N ASP A 96 -18.37 22.71 4.66
CA ASP A 96 -18.32 24.11 5.07
C ASP A 96 -16.88 24.58 4.95
N MET A 97 -16.71 25.88 4.65
CA MET A 97 -15.38 26.46 4.65
C MET A 97 -14.94 26.67 6.08
N LYS A 98 -13.79 26.09 6.45
CA LYS A 98 -13.22 26.24 7.78
C LYS A 98 -12.37 27.51 7.83
N HIS A 99 -11.38 27.59 6.92
CA HIS A 99 -10.47 28.72 6.87
C HIS A 99 -10.13 29.00 5.42
N SER A 100 -9.63 30.20 5.14
CA SER A 100 -9.13 30.48 3.82
C SER A 100 -7.78 31.19 3.90
N PHE A 101 -7.09 31.14 2.77
CA PHE A 101 -5.72 31.59 2.64
C PHE A 101 -5.71 32.56 1.47
N THR A 102 -6.01 33.81 1.81
CA THR A 102 -6.06 34.98 0.96
C THR A 102 -5.40 34.73 -0.39
N GLU A 103 -4.10 35.01 -0.48
CA GLU A 103 -3.43 35.15 -1.77
C GLU A 103 -2.54 33.95 -2.06
N ASP A 104 -2.59 32.91 -1.22
CA ASP A 104 -1.81 31.71 -1.47
C ASP A 104 -2.44 30.93 -2.61
N HIS A 105 -1.66 30.71 -3.68
CA HIS A 105 -2.20 30.07 -4.89
C HIS A 105 -1.98 28.56 -4.87
N TYR A 106 -1.24 28.07 -3.88
CA TYR A 106 -0.98 26.65 -3.72
C TYR A 106 -0.91 26.35 -2.22
N VAL A 107 -1.50 25.23 -1.81
CA VAL A 107 -1.51 24.84 -0.40
C VAL A 107 -1.32 23.32 -0.31
N GLU A 108 -0.67 22.89 0.78
CA GLU A 108 -0.55 21.48 1.11
C GLU A 108 -0.73 21.31 2.61
N PHE A 109 -1.16 20.12 3.01
CA PHE A 109 -1.13 19.72 4.42
C PHE A 109 0.30 19.40 4.84
N SER A 110 0.57 19.55 6.13
CA SER A 110 1.69 18.87 6.75
C SER A 110 1.50 17.37 6.60
N LYS A 111 2.58 16.60 6.80
CA LYS A 111 2.63 15.23 6.32
C LYS A 111 2.45 14.23 7.45
N HIS A 112 3.19 14.40 8.54
CA HIS A 112 3.19 13.41 9.61
C HIS A 112 1.89 13.53 10.41
N SER A 113 1.72 14.68 11.06
CA SER A 113 0.49 15.06 11.69
C SER A 113 -0.11 16.20 10.88
N GLN A 114 -1.33 16.01 10.38
CA GLN A 114 -1.93 16.96 9.45
C GLN A 114 -2.67 18.03 10.25
N ASP A 115 -1.90 18.81 11.02
CA ASP A 115 -2.43 19.84 11.89
C ASP A 115 -2.11 21.23 11.33
N ARG A 116 -1.37 21.28 10.20
CA ARG A 116 -0.94 22.54 9.62
C ARG A 116 -1.18 22.53 8.11
N VAL A 117 -1.26 23.74 7.55
CA VAL A 117 -1.32 23.97 6.12
C VAL A 117 -0.12 24.85 5.76
N ILE A 118 0.56 24.51 4.67
CA ILE A 118 1.60 25.38 4.13
C ILE A 118 1.12 25.91 2.78
N GLY A 119 1.06 27.23 2.68
CA GLY A 119 0.66 27.90 1.46
C GLY A 119 1.84 28.61 0.82
N THR A 120 1.73 28.81 -0.50
CA THR A 120 2.75 29.51 -1.27
C THR A 120 2.12 30.72 -1.93
N LYS A 121 2.82 31.85 -1.83
CA LYS A 121 2.53 33.04 -2.60
C LYS A 121 3.84 33.50 -3.23
N GLY A 122 4.01 33.26 -4.54
CA GLY A 122 5.26 33.56 -5.19
C GLY A 122 6.43 32.86 -4.50
N ASP A 123 7.38 33.66 -4.01
CA ASP A 123 8.61 33.17 -3.39
C ASP A 123 8.42 32.90 -1.89
N ILE A 124 7.21 33.11 -1.38
CA ILE A 124 6.97 33.18 0.07
C ILE A 124 6.15 31.96 0.51
N ALA A 125 6.54 31.37 1.65
CA ALA A 125 5.74 30.34 2.28
C ALA A 125 5.02 30.90 3.51
N HIS A 126 3.78 30.45 3.69
CA HIS A 126 3.00 30.76 4.87
C HIS A 126 2.57 29.46 5.52
N ILE A 127 2.77 29.34 6.84
CA ILE A 127 2.33 28.16 7.57
C ILE A 127 1.19 28.57 8.48
N TYR A 128 0.10 27.79 8.44
CA TYR A 128 -1.12 28.07 9.19
C TYR A 128 -1.47 26.90 10.09
N ASP A 129 -2.09 27.24 11.23
CA ASP A 129 -2.66 26.27 12.15
C ASP A 129 -4.07 25.92 11.67
N ILE A 130 -4.37 24.63 11.57
CA ILE A 130 -5.69 24.21 11.10
C ILE A 130 -6.76 24.59 12.11
N GLN A 131 -6.46 24.44 13.41
CA GLN A 131 -7.45 24.63 14.45
C GLN A 131 -7.95 26.08 14.45
N THR A 132 -7.01 27.03 14.48
CA THR A 132 -7.32 28.46 14.62
C THR A 132 -7.38 29.15 13.27
N GLY A 133 -6.68 28.60 12.27
CA GLY A 133 -6.51 29.26 10.99
C GLY A 133 -5.42 30.33 11.01
N ASN A 134 -4.78 30.52 12.18
CA ASN A 134 -3.80 31.58 12.34
C ASN A 134 -2.55 31.30 11.51
N LYS A 135 -2.00 32.37 10.92
CA LYS A 135 -0.71 32.29 10.27
C LYS A 135 0.37 32.24 11.34
N LEU A 136 1.07 31.11 11.42
CA LEU A 136 2.11 30.89 12.41
C LEU A 136 3.44 31.46 11.95
N LEU A 137 3.76 31.26 10.66
CA LEU A 137 5.08 31.61 10.12
C LEU A 137 4.93 32.16 8.71
N THR A 138 5.79 33.13 8.39
CA THR A 138 6.08 33.54 7.01
C THR A 138 7.55 33.24 6.77
N LEU A 139 7.85 32.45 5.74
CA LEU A 139 9.21 32.05 5.45
C LEU A 139 9.64 32.71 4.16
N PHE A 140 10.59 33.63 4.29
CA PHE A 140 11.22 34.27 3.16
C PHE A 140 12.54 34.87 3.63
N ASN A 141 13.61 34.56 2.91
CA ASN A 141 14.94 35.06 3.24
C ASN A 141 15.50 35.74 2.00
N PRO A 142 15.66 37.09 2.01
CA PRO A 142 16.06 37.81 0.80
C PRO A 142 17.44 37.43 0.29
N ASP A 143 18.33 37.00 1.20
CA ASP A 143 19.69 36.62 0.84
C ASP A 143 19.72 35.27 0.11
N LEU A 144 18.76 34.40 0.40
CA LEU A 144 18.85 33.00 -0.02
C LEU A 144 17.84 32.64 -1.11
N ALA A 145 17.00 33.57 -1.53
CA ALA A 145 15.92 33.26 -2.46
C ALA A 145 16.48 32.80 -3.82
N ASN A 146 15.76 31.85 -4.44
CA ASN A 146 16.03 31.40 -5.80
C ASN A 146 15.05 31.99 -6.81
N ASN A 147 13.90 32.49 -6.33
CA ASN A 147 12.92 33.12 -7.21
C ASN A 147 12.42 32.14 -8.28
N TYR A 148 12.20 30.89 -7.90
CA TYR A 148 11.64 29.93 -8.84
C TYR A 148 10.23 30.37 -9.26
N LYS A 149 9.97 30.33 -10.57
CA LYS A 149 8.75 30.89 -11.12
C LYS A 149 7.54 30.03 -10.77
N ARG A 150 7.77 28.73 -10.49
CA ARG A 150 6.69 27.81 -10.14
C ARG A 150 6.95 27.23 -8.75
N ASN A 151 7.50 28.06 -7.87
CA ASN A 151 7.75 27.67 -6.48
C ASN A 151 6.49 27.09 -5.82
N CYS A 152 6.72 26.06 -4.99
N CYS A 152 6.67 25.95 -5.15
CA CYS A 152 5.66 25.39 -4.24
CA CYS A 152 5.71 25.42 -4.20
C CYS A 152 6.24 24.86 -2.93
C CYS A 152 6.41 25.02 -2.93
N ALA A 153 5.93 25.53 -1.81
CA ALA A 153 6.49 25.20 -0.52
C ALA A 153 5.88 23.91 0.00
N THR A 154 6.69 23.12 0.73
CA THR A 154 6.28 21.80 1.16
C THR A 154 7.01 21.42 2.44
N PHE A 155 6.33 20.63 3.28
CA PHE A 155 6.93 20.01 4.45
C PHE A 155 7.63 18.70 4.07
N ASN A 156 8.61 18.30 4.89
CA ASN A 156 9.21 16.99 4.77
C ASN A 156 8.34 15.96 5.52
N PRO A 157 8.65 14.65 5.42
CA PRO A 157 7.79 13.62 6.00
C PRO A 157 7.50 13.76 7.49
N THR A 158 8.45 14.31 8.25
CA THR A 158 8.29 14.40 9.69
C THR A 158 7.90 15.82 10.12
N ASP A 159 7.73 16.72 9.15
CA ASP A 159 7.19 18.06 9.37
C ASP A 159 8.20 18.98 10.08
N ASP A 160 9.45 18.54 10.23
CA ASP A 160 10.44 19.32 10.94
C ASP A 160 11.14 20.29 9.99
N LEU A 161 11.08 20.02 8.68
CA LEU A 161 11.71 20.85 7.66
C LEU A 161 10.67 21.31 6.66
N VAL A 162 10.96 22.47 6.05
CA VAL A 162 10.23 22.96 4.90
C VAL A 162 11.23 23.27 3.78
N LEU A 163 10.83 22.94 2.56
CA LEU A 163 11.51 23.42 1.39
C LEU A 163 10.65 24.50 0.76
N ASN A 164 11.20 25.71 0.67
CA ASN A 164 10.53 26.81 0.00
C ASN A 164 11.53 27.48 -0.91
N ASP A 165 11.22 27.54 -2.20
CA ASP A 165 12.04 28.25 -3.16
C ASP A 165 13.48 27.69 -3.16
N GLY A 166 13.62 26.38 -2.96
CA GLY A 166 14.92 25.75 -3.01
C GLY A 166 15.74 25.99 -1.75
N VAL A 167 15.09 26.54 -0.71
CA VAL A 167 15.73 26.83 0.57
C VAL A 167 15.13 25.90 1.61
N LEU A 168 16.01 25.29 2.40
CA LEU A 168 15.64 24.38 3.46
C LEU A 168 15.52 25.17 4.76
N TRP A 169 14.35 25.05 5.41
CA TRP A 169 14.05 25.76 6.65
C TRP A 169 13.87 24.77 7.77
N ASP A 170 14.45 25.08 8.93
CA ASP A 170 14.11 24.40 10.16
C ASP A 170 12.85 25.05 10.72
N VAL A 171 11.78 24.27 10.84
CA VAL A 171 10.48 24.84 11.17
C VAL A 171 10.49 25.37 12.61
N ARG A 172 11.08 24.61 13.54
CA ARG A 172 11.04 24.94 14.96
C ARG A 172 11.66 26.32 15.20
N SER A 173 12.80 26.60 14.55
CA SER A 173 13.54 27.83 14.79
C SER A 173 13.14 28.90 13.77
N ALA A 174 12.43 28.49 12.71
CA ALA A 174 12.02 29.36 11.62
C ALA A 174 13.23 29.99 10.94
N GLN A 175 14.32 29.22 10.83
CA GLN A 175 15.55 29.70 10.23
C GLN A 175 15.87 28.88 8.97
N ALA A 176 16.36 29.57 7.94
CA ALA A 176 16.91 28.91 6.77
C ALA A 176 18.24 28.26 7.16
N ILE A 177 18.39 26.97 6.83
CA ILE A 177 19.60 26.25 7.20
C ILE A 177 20.45 25.91 5.97
N HIS A 178 19.87 25.95 4.77
CA HIS A 178 20.65 25.70 3.57
C HIS A 178 19.89 26.19 2.34
N LYS A 179 20.62 26.82 1.42
CA LYS A 179 20.09 27.12 0.11
C LYS A 179 20.71 26.18 -0.92
N PHE A 180 19.85 25.43 -1.63
CA PHE A 180 20.31 24.65 -2.75
C PHE A 180 20.49 25.55 -3.96
N ASP A 181 21.62 25.37 -4.65
CA ASP A 181 21.98 26.21 -5.79
C ASP A 181 20.95 26.03 -6.91
N LYS A 182 20.83 27.06 -7.76
CA LYS A 182 19.78 27.08 -8.77
C LYS A 182 20.30 26.54 -10.10
N PHE A 183 19.50 25.68 -10.74
CA PHE A 183 19.86 25.04 -11.99
C PHE A 183 18.78 25.22 -13.06
N ASN A 184 17.61 25.74 -12.67
CA ASN A 184 16.49 25.89 -13.59
C ASN A 184 15.65 27.08 -13.13
N MET A 185 14.76 27.54 -14.01
CA MET A 185 14.02 28.76 -13.79
C MET A 185 12.77 28.55 -12.92
N ASN A 186 12.22 27.32 -12.90
CA ASN A 186 10.81 27.12 -12.56
C ASN A 186 10.60 26.25 -11.32
N ILE A 187 11.21 25.06 -11.29
CA ILE A 187 10.86 24.00 -10.35
C ILE A 187 11.69 24.16 -9.07
N SER A 188 11.00 24.13 -7.92
CA SER A 188 11.60 24.43 -6.63
C SER A 188 11.88 23.18 -5.80
N GLY A 189 11.22 22.06 -6.08
CA GLY A 189 11.61 20.78 -5.50
C GLY A 189 10.66 20.24 -4.43
N VAL A 190 10.90 18.96 -4.11
CA VAL A 190 10.10 18.20 -3.16
C VAL A 190 11.03 17.34 -2.32
N PHE A 191 10.52 16.87 -1.18
CA PHE A 191 11.20 15.84 -0.41
C PHE A 191 10.82 14.46 -0.92
N HIS A 192 11.82 13.58 -0.98
CA HIS A 192 11.55 12.17 -1.17
C HIS A 192 10.91 11.63 0.10
N PRO A 193 9.90 10.73 0.01
CA PRO A 193 9.29 10.16 1.21
C PRO A 193 10.26 9.39 2.11
N ASN A 194 11.44 9.05 1.60
CA ASN A 194 12.42 8.32 2.38
C ASN A 194 13.03 9.20 3.48
N GLY A 195 12.84 10.52 3.39
CA GLY A 195 13.30 11.43 4.42
C GLY A 195 14.79 11.77 4.30
N LEU A 196 15.46 11.26 3.24
CA LEU A 196 16.90 11.35 3.14
C LEU A 196 17.35 12.29 2.01
N GLU A 197 16.47 12.51 1.03
CA GLU A 197 16.84 13.15 -0.22
C GLU A 197 15.85 14.25 -0.55
N VAL A 198 16.32 15.27 -1.27
CA VAL A 198 15.44 16.27 -1.86
C VAL A 198 15.65 16.25 -3.37
N ILE A 199 14.53 16.35 -4.08
CA ILE A 199 14.50 16.26 -5.52
C ILE A 199 14.13 17.64 -6.05
N ILE A 200 15.11 18.35 -6.63
CA ILE A 200 14.86 19.70 -7.11
C ILE A 200 15.11 19.71 -8.61
N ASN A 201 14.03 19.57 -9.36
CA ASN A 201 14.11 19.45 -10.81
C ASN A 201 14.97 18.22 -11.13
N THR A 202 16.09 18.38 -11.84
CA THR A 202 16.90 17.24 -12.23
C THR A 202 17.93 16.87 -11.15
N GLU A 203 18.06 17.66 -10.09
CA GLU A 203 19.10 17.42 -9.09
C GLU A 203 18.53 16.66 -7.90
N ILE A 204 19.24 15.60 -7.49
CA ILE A 204 18.91 14.87 -6.27
C ILE A 204 19.98 15.17 -5.23
N TRP A 205 19.57 15.80 -4.13
CA TRP A 205 20.49 16.21 -3.08
C TRP A 205 20.33 15.34 -1.85
N ASP A 206 21.46 15.06 -1.20
N ASP A 206 21.46 15.07 -1.19
CA ASP A 206 21.48 14.42 0.11
CA ASP A 206 21.48 14.43 0.11
C ASP A 206 21.10 15.46 1.17
C ASP A 206 21.11 15.44 1.18
N LEU A 207 20.10 15.13 1.99
CA LEU A 207 19.59 16.07 2.96
C LEU A 207 20.58 16.23 4.13
N ARG A 208 21.40 15.20 4.36
CA ARG A 208 22.36 15.20 5.47
C ARG A 208 23.55 16.08 5.12
N THR A 209 24.18 15.81 3.97
CA THR A 209 25.47 16.41 3.62
C THR A 209 25.27 17.61 2.69
N PHE A 210 24.11 17.67 2.04
CA PHE A 210 23.79 18.68 1.04
C PHE A 210 24.59 18.43 -0.24
N HIS A 211 25.17 17.24 -0.37
CA HIS A 211 25.91 16.86 -1.57
C HIS A 211 24.95 16.43 -2.69
N LEU A 212 25.39 16.64 -3.94
CA LEU A 212 24.66 16.18 -5.11
C LEU A 212 24.85 14.67 -5.26
N LEU A 213 23.74 13.93 -5.25
CA LEU A 213 23.78 12.47 -5.30
C LEU A 213 23.59 11.98 -6.73
N HIS A 214 22.66 12.59 -7.46
CA HIS A 214 22.31 12.15 -8.81
C HIS A 214 21.80 13.34 -9.62
N THR A 215 21.92 13.21 -10.93
CA THR A 215 21.23 14.05 -11.89
C THR A 215 20.33 13.17 -12.74
N VAL A 216 19.06 13.56 -12.87
CA VAL A 216 18.07 12.81 -13.62
C VAL A 216 17.43 13.74 -14.65
N PRO A 217 18.00 13.85 -15.87
CA PRO A 217 17.52 14.81 -16.86
C PRO A 217 16.03 14.69 -17.21
N ALA A 218 15.49 13.46 -17.14
CA ALA A 218 14.11 13.23 -17.53
C ALA A 218 13.11 13.93 -16.59
N LEU A 219 13.59 14.41 -15.42
CA LEU A 219 12.72 15.08 -14.46
C LEU A 219 12.59 16.56 -14.76
N ASP A 220 13.26 17.05 -15.81
CA ASP A 220 13.26 18.47 -16.09
C ASP A 220 11.83 18.98 -16.25
N GLN A 221 11.51 20.05 -15.50
CA GLN A 221 10.24 20.76 -15.57
C GLN A 221 9.06 19.88 -15.15
N CYS A 222 9.32 18.82 -14.37
CA CYS A 222 8.24 17.95 -13.94
C CYS A 222 7.71 18.31 -12.56
N ARG A 223 6.39 18.16 -12.40
CA ARG A 223 5.79 17.93 -11.12
C ARG A 223 5.83 16.43 -10.85
N VAL A 224 5.94 16.06 -9.58
CA VAL A 224 6.11 14.66 -9.24
C VAL A 224 5.14 14.31 -8.11
N VAL A 225 4.75 13.04 -8.10
CA VAL A 225 4.02 12.49 -6.98
C VAL A 225 4.45 11.05 -6.81
N PHE A 226 4.57 10.61 -5.56
CA PHE A 226 4.93 9.24 -5.27
C PHE A 226 3.66 8.46 -4.98
N ASN A 227 3.70 7.16 -5.26
CA ASN A 227 2.67 6.28 -4.74
C ASN A 227 2.79 6.23 -3.21
N HIS A 228 1.78 5.69 -2.56
CA HIS A 228 1.68 5.78 -1.12
C HIS A 228 2.77 4.94 -0.45
N THR A 229 3.17 3.84 -1.09
N THR A 229 3.18 3.85 -1.08
CA THR A 229 4.18 2.94 -0.54
CA THR A 229 4.17 2.97 -0.50
C THR A 229 5.57 3.50 -0.78
C THR A 229 5.58 3.51 -0.77
N GLY A 230 5.68 4.54 -1.62
CA GLY A 230 6.95 5.20 -1.87
C GLY A 230 7.90 4.38 -2.75
N THR A 231 7.33 3.55 -3.65
CA THR A 231 8.13 2.70 -4.53
C THR A 231 8.20 3.26 -5.96
N VAL A 232 7.23 4.10 -6.33
CA VAL A 232 7.15 4.61 -7.69
C VAL A 232 6.97 6.11 -7.61
N MET A 233 7.67 6.83 -8.49
CA MET A 233 7.51 8.26 -8.64
C MET A 233 6.96 8.54 -10.04
N TYR A 234 5.89 9.34 -10.08
CA TYR A 234 5.29 9.81 -11.32
C TYR A 234 5.76 11.23 -11.58
N GLY A 235 6.15 11.52 -12.81
CA GLY A 235 6.50 12.88 -13.19
C GLY A 235 5.81 13.25 -14.49
N ALA A 236 5.35 14.50 -14.57
CA ALA A 236 4.79 15.01 -15.80
C ALA A 236 5.35 16.40 -16.05
N MET A 237 5.77 16.64 -17.28
CA MET A 237 6.41 17.88 -17.62
C MET A 237 5.35 18.96 -17.79
N LEU A 238 5.60 20.12 -17.17
CA LEU A 238 4.73 21.27 -17.36
C LEU A 238 4.69 21.65 -18.84
N GLN A 239 3.54 22.18 -19.26
CA GLN A 239 3.36 22.77 -20.58
C GLN A 239 4.36 23.92 -20.75
N LYS A 252 -4.98 27.48 -20.79
CA LYS A 252 -4.10 26.37 -21.25
C LYS A 252 -4.12 25.24 -20.23
N SER A 253 -3.52 24.11 -20.61
CA SER A 253 -3.40 22.97 -19.72
C SER A 253 -2.11 23.06 -18.91
N PRO A 254 -2.08 22.57 -17.66
CA PRO A 254 -0.85 22.62 -16.88
C PRO A 254 0.27 21.75 -17.42
N PHE A 255 -0.07 20.59 -17.99
CA PHE A 255 0.92 19.62 -18.41
C PHE A 255 0.80 19.36 -19.91
N GLY A 256 1.85 18.76 -20.46
CA GLY A 256 1.80 18.19 -21.79
C GLY A 256 1.00 16.89 -21.79
N SER A 257 1.33 16.00 -22.72
CA SER A 257 0.51 14.83 -22.98
C SER A 257 1.12 13.57 -22.40
N SER A 258 2.25 13.68 -21.69
CA SER A 258 2.94 12.50 -21.21
C SER A 258 3.16 12.58 -19.70
N PHE A 259 3.20 11.39 -19.09
CA PHE A 259 3.79 11.27 -17.77
C PHE A 259 4.76 10.09 -17.80
N ARG A 260 5.66 10.07 -16.83
CA ARG A 260 6.70 9.06 -16.75
C ARG A 260 6.72 8.50 -15.34
N THR A 261 7.07 7.21 -15.23
CA THR A 261 7.27 6.59 -13.93
C THR A 261 8.75 6.29 -13.75
N PHE A 262 9.17 6.32 -12.48
CA PHE A 262 10.54 6.03 -12.09
C PHE A 262 10.51 5.17 -10.84
N ASN A 263 11.50 4.31 -10.70
CA ASN A 263 11.70 3.55 -9.48
C ASN A 263 12.19 4.51 -8.41
N ALA A 264 11.42 4.65 -7.32
CA ALA A 264 11.73 5.65 -6.31
C ALA A 264 13.00 5.28 -5.54
N THR A 265 13.44 4.02 -5.67
N THR A 265 13.41 4.02 -5.59
CA THR A 265 14.53 3.51 -4.84
CA THR A 265 14.59 3.61 -4.82
C THR A 265 15.87 3.75 -5.54
C THR A 265 15.86 4.04 -5.53
N ASP A 266 15.87 4.00 -6.86
CA ASP A 266 17.12 4.21 -7.61
C ASP A 266 17.00 5.25 -8.72
N TYR A 267 15.81 5.85 -8.88
CA TYR A 267 15.54 6.91 -9.86
C TYR A 267 15.64 6.39 -11.30
N LYS A 268 15.65 5.07 -11.51
CA LYS A 268 15.72 4.54 -12.87
C LYS A 268 14.35 4.61 -13.52
N PRO A 269 14.26 4.95 -14.83
CA PRO A 269 12.97 5.03 -15.50
C PRO A 269 12.27 3.67 -15.60
N ILE A 270 10.94 3.69 -15.51
CA ILE A 270 10.15 2.49 -15.70
C ILE A 270 9.43 2.57 -17.03
N ALA A 271 8.57 3.59 -17.17
CA ALA A 271 7.73 3.72 -18.35
C ALA A 271 7.46 5.19 -18.67
N THR A 272 7.20 5.45 -19.95
CA THR A 272 6.65 6.71 -20.43
C THR A 272 5.28 6.43 -21.02
N ILE A 273 4.28 7.19 -20.57
CA ILE A 273 2.93 7.05 -21.06
C ILE A 273 2.54 8.36 -21.75
N ASP A 274 2.35 8.31 -23.08
CA ASP A 274 1.90 9.48 -23.81
C ASP A 274 0.46 9.27 -24.24
N VAL A 275 -0.45 10.08 -23.68
CA VAL A 275 -1.87 9.92 -23.92
C VAL A 275 -2.31 10.80 -25.10
N LYS A 276 -1.37 11.54 -25.69
CA LYS A 276 -1.59 12.30 -26.93
C LYS A 276 -2.66 13.38 -26.73
N ARG A 277 -2.93 13.71 -25.47
CA ARG A 277 -3.89 14.75 -25.11
C ARG A 277 -3.31 15.46 -23.89
N ASN A 278 -3.64 16.74 -23.69
CA ASN A 278 -3.10 17.48 -22.57
C ASN A 278 -3.61 16.90 -21.26
N ILE A 279 -2.70 16.69 -20.30
CA ILE A 279 -3.03 16.23 -18.96
C ILE A 279 -3.26 17.41 -18.04
N PHE A 280 -4.26 17.28 -17.16
CA PHE A 280 -4.55 18.29 -16.15
C PHE A 280 -4.12 17.85 -14.76
N ASP A 281 -4.24 16.56 -14.45
CA ASP A 281 -3.89 16.07 -13.14
C ASP A 281 -3.78 14.56 -13.17
N LEU A 282 -3.17 14.00 -12.12
CA LEU A 282 -2.98 12.57 -11.96
C LEU A 282 -3.00 12.26 -10.47
N CYS A 283 -3.57 11.12 -10.09
CA CYS A 283 -3.52 10.68 -8.70
C CYS A 283 -3.63 9.17 -8.62
N THR A 284 -3.19 8.60 -7.50
CA THR A 284 -3.35 7.16 -7.25
C THR A 284 -4.10 6.98 -5.94
N ASP A 285 -4.75 5.83 -5.81
CA ASP A 285 -5.55 5.54 -4.62
C ASP A 285 -4.63 5.10 -3.49
N THR A 286 -5.17 4.98 -2.27
N THR A 286 -5.22 4.97 -2.30
CA THR A 286 -4.35 4.70 -1.10
CA THR A 286 -4.52 4.66 -1.06
C THR A 286 -3.68 3.34 -1.22
C THR A 286 -3.74 3.35 -1.20
N LYS A 287 -4.29 2.40 -1.99
CA LYS A 287 -3.72 1.07 -2.14
C LYS A 287 -2.82 0.98 -3.38
N ASP A 288 -2.64 2.09 -4.09
CA ASP A 288 -1.68 2.16 -5.20
C ASP A 288 -2.04 1.13 -6.27
N CYS A 289 -3.34 0.92 -6.48
CA CYS A 289 -3.84 -0.04 -7.45
C CYS A 289 -4.38 0.64 -8.72
N TYR A 290 -4.76 1.91 -8.58
CA TYR A 290 -5.47 2.62 -9.62
C TYR A 290 -4.79 3.97 -9.83
N LEU A 291 -4.87 4.45 -11.07
CA LEU A 291 -4.42 5.78 -11.42
C LEU A 291 -5.58 6.48 -12.09
N ALA A 292 -5.90 7.70 -11.64
CA ALA A 292 -6.87 8.53 -12.34
C ALA A 292 -6.11 9.68 -12.99
N VAL A 293 -6.42 9.95 -14.26
CA VAL A 293 -5.77 11.02 -15.00
C VAL A 293 -6.85 11.86 -15.67
N ILE A 294 -6.76 13.17 -15.50
N ILE A 294 -6.76 13.17 -15.52
CA ILE A 294 -7.63 14.09 -16.20
CA ILE A 294 -7.67 14.04 -16.24
C ILE A 294 -6.97 14.47 -17.52
C ILE A 294 -7.00 14.51 -17.52
N GLU A 295 -7.68 14.28 -18.64
CA GLU A 295 -7.13 14.52 -19.97
C GLU A 295 -8.14 15.36 -20.76
N ASN A 296 -7.66 16.30 -21.56
CA ASN A 296 -8.55 17.10 -22.38
C ASN A 296 -8.78 16.39 -23.71
N GLN A 297 -10.06 16.24 -24.09
CA GLN A 297 -10.39 15.84 -25.44
C GLN A 297 -10.17 17.05 -26.36
N MET A 300 -4.51 17.74 -29.42
CA MET A 300 -3.44 18.40 -28.61
C MET A 300 -3.62 19.92 -28.66
N ASP A 301 -3.43 20.56 -27.50
CA ASP A 301 -3.52 22.00 -27.36
C ASP A 301 -4.82 22.48 -27.98
N ALA A 302 -5.93 21.88 -27.56
CA ALA A 302 -7.26 22.25 -28.03
C ALA A 302 -7.75 23.48 -27.27
N LEU A 303 -8.55 24.31 -27.94
CA LEU A 303 -9.12 25.50 -27.34
C LEU A 303 -10.31 25.10 -26.47
N ASN A 304 -11.12 24.16 -26.97
CA ASN A 304 -12.30 23.69 -26.24
C ASN A 304 -11.86 22.91 -25.00
N MET A 305 -12.41 23.28 -23.85
CA MET A 305 -12.29 22.50 -22.63
C MET A 305 -13.38 21.43 -22.63
N ASP A 306 -12.97 20.15 -22.67
CA ASP A 306 -13.90 19.04 -22.61
C ASP A 306 -13.15 17.84 -22.05
N THR A 307 -12.90 17.86 -20.74
CA THR A 307 -12.01 16.87 -20.15
C THR A 307 -12.77 15.61 -19.79
N VAL A 308 -11.99 14.54 -19.69
CA VAL A 308 -12.45 13.28 -19.14
C VAL A 308 -11.50 12.89 -18.02
N CYS A 309 -12.03 12.04 -17.15
CA CYS A 309 -11.22 11.31 -16.21
C CYS A 309 -11.07 9.88 -16.71
N ARG A 310 -9.82 9.46 -16.92
CA ARG A 310 -9.51 8.10 -17.27
C ARG A 310 -8.97 7.36 -16.05
N LEU A 311 -9.53 6.18 -15.79
CA LEU A 311 -9.08 5.33 -14.71
C LEU A 311 -8.27 4.20 -15.31
N TYR A 312 -7.06 4.00 -14.76
CA TYR A 312 -6.18 2.93 -15.16
C TYR A 312 -6.01 1.98 -13.97
N GLU A 313 -5.97 0.68 -14.26
CA GLU A 313 -5.41 -0.29 -13.32
C GLU A 313 -3.90 -0.20 -13.42
N VAL A 314 -3.21 -0.15 -12.28
CA VAL A 314 -1.77 0.04 -12.26
C VAL A 314 -1.06 -1.27 -12.67
N ALA B 4 -16.58 -11.12 18.93
CA ALA B 4 -17.32 -12.40 19.10
C ALA B 4 -16.88 -13.39 18.02
N PHE B 5 -16.69 -14.64 18.44
CA PHE B 5 -16.57 -15.76 17.52
C PHE B 5 -17.47 -16.87 18.01
N ARG B 6 -18.62 -17.02 17.35
CA ARG B 6 -19.63 -17.96 17.80
C ARG B 6 -19.48 -19.26 17.02
N PRO B 7 -19.12 -20.38 17.69
CA PRO B 7 -18.96 -21.63 16.97
C PRO B 7 -20.26 -22.09 16.32
N ILE B 8 -20.12 -22.63 15.11
CA ILE B 8 -21.24 -23.09 14.30
C ILE B 8 -21.22 -24.61 14.28
N SER B 9 -20.10 -25.18 13.80
CA SER B 9 -20.03 -26.60 13.52
C SER B 9 -18.57 -27.04 13.35
N VAL B 10 -18.38 -28.35 13.23
CA VAL B 10 -17.06 -28.94 13.07
C VAL B 10 -17.05 -29.84 11.85
N PHE B 11 -15.98 -29.72 11.06
CA PHE B 11 -15.62 -30.70 10.04
C PHE B 11 -14.58 -31.65 10.64
N ARG B 12 -14.84 -32.96 10.56
CA ARG B 12 -13.83 -33.91 10.97
C ARG B 12 -13.52 -34.82 9.80
N GLU B 13 -12.33 -35.40 9.85
CA GLU B 13 -11.84 -36.16 8.74
C GLU B 13 -12.68 -37.41 8.61
N ALA B 14 -13.34 -37.54 7.46
CA ALA B 14 -14.24 -38.66 7.23
C ALA B 14 -13.49 -39.98 7.39
N ASN B 15 -14.11 -40.92 8.13
CA ASN B 15 -13.70 -42.32 8.16
C ASN B 15 -12.35 -42.51 8.86
N GLU B 16 -12.01 -41.58 9.76
CA GLU B 16 -10.85 -41.73 10.61
C GLU B 16 -11.32 -41.64 12.06
N ASP B 17 -10.74 -42.50 12.91
CA ASP B 17 -11.04 -42.48 14.34
C ASP B 17 -10.59 -41.14 14.92
N GLU B 18 -9.43 -40.65 14.49
CA GLU B 18 -8.95 -39.34 14.85
C GLU B 18 -8.70 -38.53 13.60
N SER B 19 -9.03 -37.25 13.67
N SER B 19 -9.10 -37.25 13.60
CA SER B 19 -8.90 -36.32 12.54
CA SER B 19 -8.90 -36.38 12.47
C SER B 19 -7.45 -35.87 12.44
C SER B 19 -7.44 -35.92 12.42
N GLY B 20 -6.96 -35.66 11.20
CA GLY B 20 -5.57 -35.28 10.99
C GLY B 20 -5.39 -34.00 10.17
N PHE B 21 -6.34 -33.05 10.27
CA PHE B 21 -6.21 -31.79 9.56
C PHE B 21 -5.05 -30.98 10.14
N THR B 22 -4.33 -30.27 9.26
CA THR B 22 -3.21 -29.46 9.69
C THR B 22 -3.31 -28.02 9.21
N CYS B 23 -4.07 -27.75 8.15
CA CYS B 23 -4.18 -26.38 7.66
C CYS B 23 -5.49 -26.22 6.91
N CYS B 24 -5.87 -24.96 6.68
CA CYS B 24 -7.17 -24.66 6.13
C CYS B 24 -7.14 -23.39 5.29
N ALA B 25 -7.95 -23.37 4.24
CA ALA B 25 -8.24 -22.18 3.48
C ALA B 25 -9.61 -22.36 2.83
N PHE B 26 -10.38 -21.29 2.74
CA PHE B 26 -11.58 -21.30 1.92
C PHE B 26 -11.18 -21.27 0.44
N SER B 27 -11.95 -21.97 -0.38
CA SER B 27 -11.81 -21.88 -1.82
C SER B 27 -12.16 -20.46 -2.26
N ALA B 28 -11.70 -20.09 -3.46
CA ALA B 28 -11.87 -18.74 -3.98
C ALA B 28 -13.35 -18.34 -3.98
N ARG B 29 -14.22 -19.25 -4.44
CA ARG B 29 -15.64 -18.98 -4.53
C ARG B 29 -16.36 -19.49 -3.27
N GLU B 30 -15.63 -20.21 -2.41
CA GLU B 30 -15.97 -20.37 -1.00
C GLU B 30 -17.08 -21.41 -0.81
N ARG B 31 -17.30 -22.26 -1.83
CA ARG B 31 -18.21 -23.39 -1.68
C ARG B 31 -17.54 -24.46 -0.81
N PHE B 32 -16.21 -24.51 -0.78
CA PHE B 32 -15.55 -25.55 -0.02
C PHE B 32 -14.46 -24.97 0.86
N LEU B 33 -14.18 -25.71 1.93
CA LEU B 33 -12.97 -25.55 2.71
C LEU B 33 -11.96 -26.55 2.20
N MET B 34 -10.72 -26.07 2.02
CA MET B 34 -9.60 -26.90 1.61
C MET B 34 -8.77 -27.20 2.86
N LEU B 35 -8.62 -28.47 3.19
CA LEU B 35 -7.99 -28.89 4.43
C LEU B 35 -6.82 -29.81 4.13
N GLY B 36 -5.62 -29.38 4.47
CA GLY B 36 -4.46 -30.25 4.37
C GLY B 36 -4.40 -31.21 5.56
N THR B 37 -3.74 -32.36 5.39
CA THR B 37 -3.68 -33.36 6.44
C THR B 37 -2.25 -33.74 6.78
N CYS B 38 -2.12 -34.46 7.90
CA CYS B 38 -0.84 -34.86 8.43
C CYS B 38 -0.21 -35.99 7.62
N THR B 39 -0.95 -36.54 6.63
CA THR B 39 -0.40 -37.58 5.75
C THR B 39 -0.26 -37.06 4.32
N GLY B 40 -0.34 -35.74 4.13
CA GLY B 40 0.02 -35.13 2.87
C GLY B 40 -1.16 -35.02 1.90
N GLN B 41 -2.39 -35.24 2.41
CA GLN B 41 -3.58 -35.19 1.58
C GLN B 41 -4.18 -33.79 1.63
N LEU B 42 -4.83 -33.43 0.53
CA LEU B 42 -5.67 -32.25 0.46
C LEU B 42 -7.11 -32.70 0.36
N LYS B 43 -7.94 -32.30 1.31
CA LYS B 43 -9.34 -32.71 1.32
C LYS B 43 -10.23 -31.50 1.12
N LEU B 44 -11.24 -31.63 0.26
CA LEU B 44 -12.20 -30.58 0.01
C LEU B 44 -13.49 -30.91 0.75
N TYR B 45 -13.94 -30.00 1.62
CA TYR B 45 -15.18 -30.17 2.37
C TYR B 45 -16.19 -29.13 1.93
N ASN B 46 -17.41 -29.58 1.64
CA ASN B 46 -18.49 -28.68 1.30
C ASN B 46 -18.90 -27.93 2.56
N VAL B 47 -18.88 -26.60 2.50
CA VAL B 47 -19.14 -25.77 3.67
C VAL B 47 -20.59 -25.93 4.13
N PHE B 48 -21.52 -26.03 3.17
CA PHE B 48 -22.94 -26.13 3.47
C PHE B 48 -23.27 -27.48 4.09
N SER B 49 -22.80 -28.56 3.46
CA SER B 49 -23.23 -29.91 3.79
C SER B 49 -22.33 -30.53 4.87
N GLY B 50 -21.08 -30.05 4.94
CA GLY B 50 -20.09 -30.59 5.87
C GLY B 50 -19.39 -31.85 5.34
N GLN B 51 -19.69 -32.25 4.10
CA GLN B 51 -19.26 -33.54 3.58
C GLN B 51 -17.96 -33.39 2.78
N GLU B 52 -17.10 -34.41 2.87
CA GLU B 52 -15.90 -34.48 2.04
C GLU B 52 -16.30 -34.75 0.59
N GLU B 53 -15.81 -33.93 -0.33
CA GLU B 53 -16.16 -34.07 -1.74
C GLU B 53 -14.99 -34.57 -2.58
N ALA B 54 -13.76 -34.40 -2.09
CA ALA B 54 -12.58 -34.90 -2.78
C ALA B 54 -11.43 -35.05 -1.80
N SER B 55 -10.49 -35.92 -2.16
CA SER B 55 -9.25 -36.08 -1.44
C SER B 55 -8.14 -36.32 -2.46
N TYR B 56 -7.07 -35.53 -2.37
CA TYR B 56 -5.99 -35.59 -3.32
C TYR B 56 -4.67 -35.87 -2.60
N ASN B 57 -3.85 -36.71 -3.21
CA ASN B 57 -2.53 -37.05 -2.71
C ASN B 57 -1.54 -35.99 -3.17
N CYS B 58 -1.15 -35.08 -2.27
CA CYS B 58 -0.31 -33.96 -2.65
C CYS B 58 1.15 -34.18 -2.26
N HIS B 59 1.39 -34.62 -1.03
CA HIS B 59 2.75 -34.75 -0.53
C HIS B 59 2.89 -36.05 0.26
N ASN B 60 4.15 -36.47 0.45
CA ASN B 60 4.46 -37.67 1.20
C ASN B 60 4.79 -37.34 2.65
N SER B 61 4.44 -36.14 3.09
CA SER B 61 4.57 -35.73 4.48
C SER B 61 3.45 -34.75 4.81
N ALA B 62 3.31 -34.41 6.09
CA ALA B 62 2.24 -33.55 6.53
C ALA B 62 2.28 -32.22 5.79
N ILE B 63 1.09 -31.76 5.36
CA ILE B 63 0.92 -30.42 4.83
CA ILE B 63 0.97 -30.42 4.81
C ILE B 63 1.02 -29.44 5.98
N THR B 64 1.83 -28.38 5.81
CA THR B 64 1.98 -27.38 6.85
C THR B 64 1.14 -26.15 6.55
N HIS B 65 0.96 -25.82 5.27
CA HIS B 65 0.43 -24.53 4.89
C HIS B 65 -0.11 -24.62 3.47
N LEU B 66 -1.18 -23.87 3.18
CA LEU B 66 -1.62 -23.80 1.81
C LEU B 66 -2.20 -22.42 1.52
N GLU B 67 -2.29 -22.09 0.23
CA GLU B 67 -2.80 -20.79 -0.19
C GLU B 67 -3.48 -20.95 -1.54
N PRO B 68 -4.81 -20.75 -1.64
CA PRO B 68 -5.46 -20.69 -2.93
C PRO B 68 -5.26 -19.34 -3.60
N SER B 69 -5.12 -19.34 -4.93
CA SER B 69 -5.11 -18.09 -5.67
C SER B 69 -6.52 -17.48 -5.64
N ARG B 70 -6.59 -16.16 -5.78
CA ARG B 70 -7.86 -15.45 -5.69
C ARG B 70 -8.79 -15.83 -6.84
N ASP B 71 -8.22 -16.19 -7.99
CA ASP B 71 -9.02 -16.45 -9.19
C ASP B 71 -9.54 -17.89 -9.20
N GLY B 72 -9.15 -18.71 -8.21
CA GLY B 72 -9.73 -20.03 -8.04
C GLY B 72 -9.00 -21.11 -8.85
N SER B 73 -7.96 -20.71 -9.60
CA SER B 73 -7.36 -21.59 -10.59
C SER B 73 -6.18 -22.39 -10.02
N LEU B 74 -5.59 -21.90 -8.92
CA LEU B 74 -4.30 -22.41 -8.45
C LEU B 74 -4.29 -22.57 -6.93
N LEU B 75 -3.41 -23.45 -6.46
CA LEU B 75 -3.23 -23.67 -5.03
C LEU B 75 -1.75 -23.92 -4.77
N LEU B 76 -1.22 -23.25 -3.75
CA LEU B 76 0.10 -23.57 -3.21
C LEU B 76 -0.04 -24.46 -1.99
N THR B 77 0.84 -25.45 -1.89
CA THR B 77 0.99 -26.25 -0.68
C THR B 77 2.45 -26.24 -0.25
N SER B 78 2.65 -26.43 1.05
CA SER B 78 3.96 -26.73 1.62
C SER B 78 3.81 -27.90 2.57
N ALA B 79 4.87 -28.70 2.68
CA ALA B 79 4.88 -29.89 3.51
C ALA B 79 6.12 -29.87 4.41
N THR B 80 6.33 -30.97 5.14
CA THR B 80 7.23 -30.96 6.28
CA THR B 80 7.24 -30.94 6.28
C THR B 80 8.61 -31.47 5.90
N TRP B 81 8.64 -32.65 5.26
CA TRP B 81 9.86 -33.40 5.02
C TRP B 81 9.97 -33.76 3.55
N SER B 82 11.10 -34.35 3.18
CA SER B 82 11.27 -34.96 1.89
C SER B 82 11.13 -33.90 0.80
N GLN B 83 10.66 -34.31 -0.39
N GLN B 83 10.79 -34.33 -0.41
CA GLN B 83 10.74 -33.48 -1.58
CA GLN B 83 10.65 -33.44 -1.53
C GLN B 83 9.72 -33.89 -2.65
C GLN B 83 9.51 -33.87 -2.45
N PRO B 84 8.94 -32.95 -3.24
CA PRO B 84 9.17 -31.51 -3.09
C PRO B 84 8.51 -30.94 -1.85
N LEU B 85 9.16 -29.94 -1.26
CA LEU B 85 8.66 -29.36 -0.02
C LEU B 85 7.44 -28.50 -0.30
N SER B 86 7.38 -27.87 -1.47
CA SER B 86 6.25 -27.02 -1.84
C SER B 86 5.85 -27.31 -3.28
N ALA B 87 4.61 -27.02 -3.62
CA ALA B 87 4.13 -27.24 -4.97
C ALA B 87 2.98 -26.30 -5.31
N LEU B 88 2.76 -26.17 -6.62
CA LEU B 88 1.67 -25.41 -7.19
C LEU B 88 0.76 -26.38 -7.94
N TRP B 89 -0.54 -26.29 -7.66
CA TRP B 89 -1.55 -27.19 -8.20
C TRP B 89 -2.58 -26.40 -8.99
N GLY B 90 -3.03 -26.98 -10.11
CA GLY B 90 -4.17 -26.47 -10.85
C GLY B 90 -5.48 -26.99 -10.26
N MET B 91 -6.46 -26.09 -10.14
CA MET B 91 -7.75 -26.38 -9.52
C MET B 91 -8.86 -26.45 -10.57
N LYS B 92 -8.52 -26.16 -11.84
CA LYS B 92 -9.52 -26.02 -12.89
C LYS B 92 -9.48 -27.25 -13.80
N VAL B 94 -9.52 -30.48 -13.73
CA VAL B 94 -8.82 -31.63 -13.08
C VAL B 94 -7.75 -31.08 -12.16
N PHE B 95 -7.59 -31.73 -11.00
CA PHE B 95 -6.57 -31.36 -10.04
C PHE B 95 -5.25 -32.02 -10.45
N ASP B 96 -4.22 -31.20 -10.66
CA ASP B 96 -2.94 -31.71 -11.10
C ASP B 96 -1.83 -30.78 -10.59
N MET B 97 -0.60 -31.31 -10.56
CA MET B 97 0.54 -30.50 -10.17
C MET B 97 1.04 -29.73 -11.38
N LYS B 98 1.17 -28.41 -11.21
CA LYS B 98 1.67 -27.54 -12.27
C LYS B 98 3.19 -27.47 -12.18
N HIS B 99 3.69 -27.11 -11.00
CA HIS B 99 5.13 -26.96 -10.78
C HIS B 99 5.44 -27.38 -9.34
N SER B 100 6.68 -27.77 -9.10
CA SER B 100 7.14 -27.98 -7.74
C SER B 100 8.29 -27.03 -7.41
N PHE B 101 8.43 -26.78 -6.11
CA PHE B 101 9.49 -25.94 -5.58
C PHE B 101 10.23 -26.77 -4.54
N THR B 102 11.23 -27.53 -5.01
CA THR B 102 11.70 -28.72 -4.32
C THR B 102 12.20 -28.40 -2.92
N GLU B 103 12.98 -27.31 -2.75
CA GLU B 103 13.67 -27.08 -1.49
C GLU B 103 13.05 -25.93 -0.69
N ASP B 104 11.96 -25.34 -1.18
CA ASP B 104 11.32 -24.23 -0.48
C ASP B 104 10.31 -24.75 0.52
N HIS B 105 10.51 -24.47 1.80
CA HIS B 105 9.64 -25.00 2.85
C HIS B 105 8.42 -24.13 3.08
N TYR B 106 8.37 -22.95 2.45
CA TYR B 106 7.24 -22.06 2.54
C TYR B 106 7.14 -21.32 1.21
N VAL B 107 5.91 -21.12 0.75
CA VAL B 107 5.64 -20.42 -0.49
C VAL B 107 4.40 -19.54 -0.30
N GLU B 108 4.40 -18.41 -1.00
CA GLU B 108 3.25 -17.51 -1.08
C GLU B 108 3.12 -17.03 -2.53
N PHE B 109 1.90 -16.65 -2.91
CA PHE B 109 1.69 -15.92 -4.15
C PHE B 109 2.12 -14.46 -3.98
N SER B 110 2.50 -13.84 -5.09
CA SER B 110 2.51 -12.39 -5.16
C SER B 110 1.07 -11.88 -4.89
N LYS B 111 0.96 -10.59 -4.58
CA LYS B 111 -0.24 -10.08 -3.94
C LYS B 111 -1.09 -9.27 -4.91
N HIS B 112 -0.49 -8.30 -5.59
CA HIS B 112 -1.26 -7.39 -6.42
C HIS B 112 -1.71 -8.10 -7.71
N SER B 113 -0.74 -8.65 -8.42
CA SER B 113 -0.96 -9.51 -9.56
C SER B 113 -0.38 -10.87 -9.23
N GLN B 114 -1.21 -11.92 -9.25
CA GLN B 114 -0.78 -13.22 -8.77
C GLN B 114 -0.17 -14.00 -9.93
N ASP B 115 0.98 -13.52 -10.39
CA ASP B 115 1.69 -14.10 -11.51
C ASP B 115 2.98 -14.76 -11.06
N ARG B 116 3.30 -14.65 -9.76
CA ARG B 116 4.56 -15.14 -9.23
C ARG B 116 4.33 -15.86 -7.93
N VAL B 117 5.30 -16.70 -7.58
CA VAL B 117 5.38 -17.36 -6.30
C VAL B 117 6.68 -16.96 -5.66
N ILE B 118 6.65 -16.67 -4.36
CA ILE B 118 7.88 -16.48 -3.61
C ILE B 118 8.02 -17.63 -2.62
N GLY B 119 9.16 -18.31 -2.71
CA GLY B 119 9.47 -19.39 -1.80
C GLY B 119 10.64 -19.04 -0.90
N THR B 120 10.72 -19.72 0.24
CA THR B 120 11.77 -19.51 1.21
C THR B 120 12.51 -20.81 1.40
N LYS B 121 13.84 -20.74 1.32
CA LYS B 121 14.72 -21.83 1.71
C LYS B 121 15.72 -21.27 2.71
N GLY B 122 15.48 -21.51 4.01
CA GLY B 122 16.33 -20.94 5.04
C GLY B 122 16.32 -19.42 4.97
N ASP B 123 17.51 -18.84 4.73
CA ASP B 123 17.70 -17.40 4.69
C ASP B 123 17.47 -16.83 3.29
N ILE B 124 17.13 -17.67 2.32
CA ILE B 124 17.12 -17.30 0.92
C ILE B 124 15.69 -17.23 0.40
N ALA B 125 15.39 -16.20 -0.41
CA ALA B 125 14.12 -16.12 -1.11
C ALA B 125 14.30 -16.47 -2.58
N HIS B 126 13.31 -17.19 -3.13
CA HIS B 126 13.25 -17.53 -4.53
C HIS B 126 11.95 -17.03 -5.11
N ILE B 127 12.01 -16.36 -6.27
CA ILE B 127 10.82 -15.90 -6.95
C ILE B 127 10.69 -16.66 -8.25
N TYR B 128 9.49 -17.23 -8.49
CA TYR B 128 9.21 -18.05 -9.64
C TYR B 128 8.08 -17.46 -10.47
N ASP B 129 8.12 -17.70 -11.77
CA ASP B 129 7.01 -17.42 -12.66
C ASP B 129 5.99 -18.55 -12.55
N ILE B 130 4.70 -18.20 -12.41
CA ILE B 130 3.65 -19.21 -12.28
C ILE B 130 3.52 -20.03 -13.57
N GLN B 131 3.65 -19.38 -14.73
CA GLN B 131 3.37 -20.06 -15.98
C GLN B 131 4.48 -21.07 -16.29
N THR B 132 5.73 -20.61 -16.27
CA THR B 132 6.87 -21.43 -16.69
C THR B 132 7.40 -22.25 -15.52
N GLY B 133 7.19 -21.76 -14.30
CA GLY B 133 7.78 -22.37 -13.12
C GLY B 133 9.25 -21.96 -12.94
N ASN B 134 9.76 -21.14 -13.86
CA ASN B 134 11.16 -20.76 -13.85
C ASN B 134 11.45 -19.87 -12.65
N LYS B 135 12.63 -20.07 -12.04
CA LYS B 135 13.13 -19.18 -11.02
C LYS B 135 13.63 -17.90 -11.68
N LEU B 136 12.96 -16.78 -11.35
CA LEU B 136 13.27 -15.48 -11.92
C LEU B 136 14.36 -14.77 -11.12
N LEU B 137 14.35 -14.95 -9.79
CA LEU B 137 15.23 -14.21 -8.90
C LEU B 137 15.56 -15.08 -7.69
N THR B 138 16.77 -14.91 -7.19
CA THR B 138 17.17 -15.38 -5.87
C THR B 138 17.60 -14.14 -5.09
N LEU B 139 17.01 -13.94 -3.91
CA LEU B 139 17.32 -12.78 -3.10
C LEU B 139 18.01 -13.26 -1.83
N PHE B 140 19.28 -12.90 -1.72
CA PHE B 140 20.05 -13.20 -0.53
C PHE B 140 21.27 -12.30 -0.52
N ASN B 141 21.46 -11.56 0.56
CA ASN B 141 22.61 -10.70 0.73
C ASN B 141 23.28 -11.10 2.03
N PRO B 142 24.44 -11.77 1.98
CA PRO B 142 25.08 -12.26 3.19
C PRO B 142 25.52 -11.15 4.15
N ASP B 143 25.73 -9.94 3.60
CA ASP B 143 26.12 -8.78 4.41
C ASP B 143 24.99 -8.42 5.39
N LEU B 144 23.74 -8.74 5.02
CA LEU B 144 22.58 -8.18 5.70
C LEU B 144 21.74 -9.25 6.41
N ALA B 145 22.12 -10.52 6.32
CA ALA B 145 21.27 -11.60 6.82
C ALA B 145 21.07 -11.49 8.34
N ASN B 146 19.85 -11.82 8.77
CA ASN B 146 19.51 -11.93 10.18
C ASN B 146 19.44 -13.39 10.63
N ASN B 147 19.33 -14.32 9.68
CA ASN B 147 19.30 -15.74 10.00
C ASN B 147 18.11 -16.09 10.91
N TYR B 148 16.96 -15.50 10.65
CA TYR B 148 15.76 -15.83 11.41
C TYR B 148 15.41 -17.30 11.23
N LYS B 149 15.16 -17.99 12.33
CA LYS B 149 14.97 -19.43 12.30
C LYS B 149 13.66 -19.81 11.63
N ARG B 150 12.68 -18.90 11.64
CA ARG B 150 11.39 -19.15 11.00
C ARG B 150 11.15 -18.11 9.90
N ASN B 151 12.23 -17.73 9.21
CA ASN B 151 12.14 -16.82 8.10
C ASN B 151 11.09 -17.26 7.08
N CYS B 152 10.27 -16.30 6.63
N CYS B 152 10.29 -16.30 6.61
CA CYS B 152 9.35 -16.50 5.52
CA CYS B 152 9.29 -16.49 5.59
C CYS B 152 9.29 -15.27 4.65
C CYS B 152 9.38 -15.25 4.70
N ALA B 153 9.79 -15.42 3.43
CA ALA B 153 9.84 -14.31 2.49
C ALA B 153 8.46 -14.01 1.95
N THR B 154 8.20 -12.72 1.68
CA THR B 154 6.88 -12.25 1.34
C THR B 154 6.98 -11.01 0.46
N PHE B 155 6.05 -10.88 -0.47
CA PHE B 155 5.88 -9.66 -1.23
C PHE B 155 5.06 -8.64 -0.44
N ASN B 156 5.24 -7.36 -0.76
CA ASN B 156 4.36 -6.33 -0.24
C ASN B 156 3.10 -6.27 -1.11
N PRO B 157 2.08 -5.51 -0.69
CA PRO B 157 0.82 -5.49 -1.43
C PRO B 157 0.93 -5.11 -2.89
N THR B 158 1.90 -4.27 -3.27
CA THR B 158 2.04 -3.81 -4.65
C THR B 158 2.95 -4.74 -5.47
N ASP B 159 3.62 -5.67 -4.78
CA ASP B 159 4.59 -6.59 -5.39
C ASP B 159 5.91 -5.90 -5.76
N ASP B 160 6.09 -4.64 -5.38
CA ASP B 160 7.31 -3.93 -5.72
C ASP B 160 8.44 -4.29 -4.77
N LEU B 161 8.09 -4.76 -3.57
CA LEU B 161 9.06 -5.00 -2.51
C LEU B 161 8.92 -6.43 -2.02
N VAL B 162 10.02 -6.94 -1.48
CA VAL B 162 10.03 -8.19 -0.76
C VAL B 162 10.69 -7.98 0.59
N LEU B 163 10.15 -8.65 1.61
CA LEU B 163 10.82 -8.78 2.89
C LEU B 163 11.30 -10.21 2.99
N ASN B 164 12.61 -10.38 3.20
CA ASN B 164 13.20 -11.70 3.36
C ASN B 164 14.22 -11.60 4.47
N ASP B 165 14.02 -12.36 5.55
CA ASP B 165 14.97 -12.42 6.64
C ASP B 165 15.17 -11.04 7.26
N GLY B 166 14.12 -10.23 7.27
CA GLY B 166 14.17 -8.91 7.88
C GLY B 166 14.86 -7.87 6.97
N VAL B 167 15.16 -8.25 5.72
CA VAL B 167 15.77 -7.34 4.77
C VAL B 167 14.73 -6.96 3.73
N LEU B 168 14.67 -5.65 3.42
CA LEU B 168 13.75 -5.13 2.44
C LEU B 168 14.46 -5.05 1.10
N TRP B 169 13.82 -5.61 0.08
CA TRP B 169 14.36 -5.67 -1.27
C TRP B 169 13.45 -4.91 -2.22
N ASP B 170 14.08 -4.18 -3.15
CA ASP B 170 13.38 -3.68 -4.32
C ASP B 170 13.43 -4.78 -5.38
N VAL B 171 12.26 -5.27 -5.78
CA VAL B 171 12.18 -6.39 -6.69
C VAL B 171 12.71 -5.99 -8.07
N ARG B 172 12.35 -4.79 -8.53
CA ARG B 172 12.64 -4.37 -9.90
C ARG B 172 14.15 -4.32 -10.13
N SER B 173 14.89 -3.80 -9.14
CA SER B 173 16.34 -3.67 -9.24
C SER B 173 17.04 -4.87 -8.62
N ALA B 174 16.29 -5.69 -7.87
CA ALA B 174 16.83 -6.87 -7.19
C ALA B 174 17.95 -6.46 -6.23
N GLN B 175 17.74 -5.31 -5.57
CA GLN B 175 18.68 -4.71 -4.64
C GLN B 175 18.06 -4.67 -3.25
N ALA B 176 18.87 -5.00 -2.23
CA ALA B 176 18.49 -4.79 -0.84
C ALA B 176 18.52 -3.29 -0.56
N ILE B 177 17.38 -2.79 -0.07
N ILE B 177 17.45 -2.75 0.02
CA ILE B 177 17.15 -1.39 0.29
CA ILE B 177 17.43 -1.32 0.26
C ILE B 177 17.65 -1.14 1.72
C ILE B 177 17.46 -1.02 1.76
N HIS B 178 17.25 -2.03 2.62
CA HIS B 178 17.39 -1.80 4.06
C HIS B 178 17.35 -3.12 4.82
N LYS B 179 18.21 -3.23 5.82
CA LYS B 179 18.16 -4.29 6.80
C LYS B 179 17.53 -3.75 8.08
N PHE B 180 16.40 -4.34 8.48
CA PHE B 180 15.85 -4.06 9.79
C PHE B 180 16.60 -4.88 10.82
N ASP B 181 16.96 -4.25 11.93
CA ASP B 181 17.80 -4.91 12.90
C ASP B 181 17.02 -5.99 13.66
N LYS B 182 17.78 -6.91 14.23
CA LYS B 182 17.29 -8.15 14.78
C LYS B 182 17.04 -7.98 16.27
N PHE B 183 15.84 -8.36 16.73
CA PHE B 183 15.49 -8.32 18.15
C PHE B 183 14.79 -9.59 18.61
N ASN B 184 14.76 -10.61 17.77
CA ASN B 184 14.26 -11.92 18.17
C ASN B 184 14.95 -12.96 17.28
N MET B 185 14.78 -14.23 17.59
CA MET B 185 15.56 -15.27 16.91
C MET B 185 14.79 -15.88 15.75
N ASN B 186 13.46 -15.69 15.68
CA ASN B 186 12.59 -16.56 14.89
C ASN B 186 11.84 -15.82 13.77
N ILE B 187 11.10 -14.76 14.13
CA ILE B 187 10.11 -14.12 13.28
C ILE B 187 10.76 -13.05 12.41
N SER B 188 10.53 -13.14 11.09
CA SER B 188 11.20 -12.29 10.11
C SER B 188 10.32 -11.12 9.65
N GLY B 189 9.00 -11.23 9.82
CA GLY B 189 8.13 -10.09 9.61
C GLY B 189 7.27 -10.18 8.34
N VAL B 190 6.31 -9.25 8.28
CA VAL B 190 5.35 -9.15 7.20
C VAL B 190 5.11 -7.69 6.89
N PHE B 191 4.50 -7.44 5.74
CA PHE B 191 4.00 -6.11 5.39
C PHE B 191 2.58 -5.95 5.90
N HIS B 192 2.28 -4.76 6.42
CA HIS B 192 0.91 -4.39 6.72
C HIS B 192 0.19 -4.16 5.40
N PRO B 193 -1.08 -4.59 5.25
CA PRO B 193 -1.82 -4.34 4.03
C PRO B 193 -2.00 -2.85 3.70
N ASN B 194 -1.79 -1.97 4.69
CA ASN B 194 -1.94 -0.53 4.47
C ASN B 194 -0.82 0.02 3.60
N GLY B 195 0.24 -0.78 3.39
CA GLY B 195 1.33 -0.39 2.51
C GLY B 195 2.34 0.56 3.16
N LEU B 196 2.15 0.91 4.44
CA LEU B 196 2.92 1.98 5.05
C LEU B 196 3.88 1.47 6.12
N GLU B 197 3.68 0.23 6.58
CA GLU B 197 4.32 -0.28 7.78
C GLU B 197 4.79 -1.70 7.56
N VAL B 198 5.88 -2.04 8.25
N VAL B 198 5.86 -2.08 8.27
CA VAL B 198 6.43 -3.37 8.32
CA VAL B 198 6.32 -3.45 8.26
C VAL B 198 6.23 -3.85 9.76
C VAL B 198 6.36 -3.92 9.71
N ILE B 199 5.78 -5.10 9.93
CA ILE B 199 5.54 -5.66 11.24
C ILE B 199 6.52 -6.79 11.44
N ILE B 200 7.56 -6.58 12.25
CA ILE B 200 8.57 -7.60 12.45
C ILE B 200 8.58 -7.97 13.92
N ASN B 201 7.92 -9.08 14.23
CA ASN B 201 7.74 -9.50 15.61
C ASN B 201 7.03 -8.37 16.36
N THR B 202 7.66 -7.84 17.43
CA THR B 202 7.03 -6.79 18.24
C THR B 202 7.29 -5.38 17.70
N GLU B 203 8.11 -5.24 16.65
CA GLU B 203 8.47 -3.92 16.13
C GLU B 203 7.63 -3.57 14.93
N ILE B 204 7.06 -2.36 14.95
CA ILE B 204 6.38 -1.78 13.81
C ILE B 204 7.27 -0.69 13.24
N TRP B 205 7.72 -0.88 12.01
CA TRP B 205 8.62 0.04 11.34
C TRP B 205 7.88 0.81 10.27
N ASP B 206 8.28 2.05 10.04
CA ASP B 206 7.84 2.85 8.91
C ASP B 206 8.52 2.31 7.66
N LEU B 207 7.74 1.93 6.65
CA LEU B 207 8.28 1.34 5.44
C LEU B 207 9.17 2.34 4.69
N ARG B 208 8.80 3.61 4.71
CA ARG B 208 9.44 4.60 3.86
C ARG B 208 10.70 5.17 4.51
N THR B 209 10.66 5.44 5.82
CA THR B 209 11.76 6.10 6.52
C THR B 209 12.56 5.10 7.36
N PHE B 210 11.96 3.95 7.67
CA PHE B 210 12.61 2.87 8.42
C PHE B 210 12.67 3.18 9.92
N HIS B 211 12.09 4.29 10.37
CA HIS B 211 12.04 4.58 11.80
C HIS B 211 11.05 3.66 12.50
N LEU B 212 11.35 3.37 13.77
CA LEU B 212 10.44 2.62 14.62
C LEU B 212 9.22 3.47 14.91
N LEU B 213 8.03 2.88 14.76
CA LEU B 213 6.77 3.55 15.01
C LEU B 213 6.15 3.11 16.33
N HIS B 214 6.19 1.79 16.60
CA HIS B 214 5.54 1.21 17.75
C HIS B 214 6.24 -0.05 18.18
N THR B 215 6.05 -0.39 19.46
CA THR B 215 6.36 -1.68 20.04
C THR B 215 5.05 -2.32 20.48
N VAL B 216 4.82 -3.56 20.05
CA VAL B 216 3.58 -4.26 20.37
C VAL B 216 3.95 -5.58 21.03
N PRO B 217 4.09 -5.60 22.37
CA PRO B 217 4.55 -6.80 23.07
C PRO B 217 3.76 -8.07 22.76
N ALA B 218 2.44 -7.92 22.56
CA ALA B 218 1.58 -9.06 22.39
C ALA B 218 1.89 -9.84 21.11
N LEU B 219 2.63 -9.23 20.17
CA LEU B 219 2.90 -9.86 18.89
C LEU B 219 4.13 -10.76 18.95
N ASP B 220 4.78 -10.88 20.10
CA ASP B 220 6.00 -11.66 20.20
C ASP B 220 5.74 -13.11 19.75
N GLN B 221 6.56 -13.57 18.80
CA GLN B 221 6.53 -14.94 18.29
C GLN B 221 5.20 -15.27 17.61
N CYS B 222 4.50 -14.25 17.10
CA CYS B 222 3.22 -14.48 16.45
C CYS B 222 3.34 -14.54 14.94
N ARG B 223 2.52 -15.40 14.34
CA ARG B 223 2.09 -15.25 12.97
C ARG B 223 0.83 -14.42 12.95
N VAL B 224 0.63 -13.66 11.86
CA VAL B 224 -0.50 -12.77 11.76
C VAL B 224 -1.19 -12.96 10.42
N VAL B 225 -2.47 -12.63 10.39
CA VAL B 225 -3.25 -12.56 9.17
C VAL B 225 -4.30 -11.49 9.39
N PHE B 226 -4.66 -10.78 8.30
CA PHE B 226 -5.61 -9.69 8.39
C PHE B 226 -6.95 -10.14 7.81
N ASN B 227 -8.01 -9.47 8.26
CA ASN B 227 -9.27 -9.55 7.54
C ASN B 227 -9.09 -8.87 6.19
N HIS B 228 -10.07 -9.05 5.31
CA HIS B 228 -9.89 -8.72 3.90
C HIS B 228 -9.98 -7.21 3.68
N THR B 229 -10.57 -6.47 4.64
CA THR B 229 -10.61 -5.01 4.56
C THR B 229 -9.37 -4.41 5.23
N GLY B 230 -8.63 -5.21 5.99
CA GLY B 230 -7.38 -4.77 6.60
C GLY B 230 -7.62 -3.91 7.84
N THR B 231 -8.77 -4.11 8.52
CA THR B 231 -9.09 -3.35 9.72
C THR B 231 -8.78 -4.17 10.98
N VAL B 232 -8.66 -5.49 10.83
CA VAL B 232 -8.43 -6.36 11.97
C VAL B 232 -7.26 -7.28 11.65
N MET B 233 -6.39 -7.44 12.64
CA MET B 233 -5.28 -8.37 12.55
C MET B 233 -5.46 -9.47 13.58
N TYR B 234 -5.29 -10.73 13.13
CA TYR B 234 -5.29 -11.90 13.98
C TYR B 234 -3.85 -12.30 14.24
N GLY B 235 -3.52 -12.63 15.49
CA GLY B 235 -2.19 -13.10 15.82
C GLY B 235 -2.27 -14.31 16.74
N ALA B 236 -1.43 -15.30 16.48
CA ALA B 236 -1.31 -16.45 17.34
C ALA B 236 0.16 -16.74 17.57
N MET B 237 0.49 -17.07 18.81
CA MET B 237 1.87 -17.25 19.21
C MET B 237 2.31 -18.67 18.89
N LEU B 238 3.46 -18.80 18.23
CA LEU B 238 4.05 -20.10 17.98
C LEU B 238 4.30 -20.80 19.31
N GLN B 239 4.20 -22.14 19.30
CA GLN B 239 4.67 -22.93 20.43
C GLN B 239 6.18 -22.83 20.53
N ALA B 240 6.67 -22.84 21.78
CA ALA B 240 8.09 -22.66 22.07
C ALA B 240 8.94 -23.66 21.28
N LYS B 252 3.96 -31.63 16.73
CA LYS B 252 3.19 -30.87 17.75
C LYS B 252 2.56 -29.65 17.09
N SER B 253 1.64 -29.01 17.81
CA SER B 253 0.91 -27.86 17.32
C SER B 253 1.89 -26.75 16.96
N PRO B 254 1.71 -26.09 15.80
CA PRO B 254 2.51 -24.90 15.54
C PRO B 254 2.21 -23.76 16.51
N PHE B 255 0.96 -23.68 16.99
CA PHE B 255 0.56 -22.59 17.85
C PHE B 255 0.07 -23.11 19.19
N GLY B 256 -0.13 -22.18 20.12
CA GLY B 256 -0.76 -22.49 21.39
C GLY B 256 -2.28 -22.55 21.24
N SER B 257 -2.99 -22.31 22.35
CA SER B 257 -4.41 -22.58 22.42
C SER B 257 -5.23 -21.29 22.39
N SER B 258 -4.61 -20.17 22.04
CA SER B 258 -5.32 -18.90 21.98
C SER B 258 -4.84 -18.10 20.77
N PHE B 259 -5.71 -17.20 20.31
CA PHE B 259 -5.31 -16.18 19.36
C PHE B 259 -5.89 -14.86 19.84
N ARG B 260 -5.38 -13.77 19.27
N ARG B 260 -5.35 -13.77 19.29
CA ARG B 260 -5.78 -12.44 19.65
CA ARG B 260 -5.77 -12.43 19.65
C ARG B 260 -6.11 -11.65 18.39
C ARG B 260 -6.11 -11.66 18.38
N THR B 261 -7.08 -10.75 18.50
CA THR B 261 -7.36 -9.81 17.43
C THR B 261 -6.92 -8.42 17.89
N PHE B 262 -6.52 -7.63 16.90
CA PHE B 262 -6.01 -6.29 17.11
C PHE B 262 -6.63 -5.37 16.06
N ASN B 263 -6.87 -4.13 16.47
CA ASN B 263 -7.20 -3.07 15.54
C ASN B 263 -5.98 -2.85 14.66
N ALA B 264 -6.15 -2.96 13.35
CA ALA B 264 -5.01 -2.93 12.44
C ALA B 264 -4.43 -1.53 12.29
N THR B 265 -5.18 -0.50 12.71
N THR B 265 -5.20 -0.49 12.68
CA THR B 265 -4.74 0.88 12.53
CA THR B 265 -4.75 0.89 12.53
C THR B 265 -3.88 1.34 13.70
C THR B 265 -3.83 1.28 13.69
N ASP B 266 -4.19 0.86 14.92
CA ASP B 266 -3.48 1.34 16.10
C ASP B 266 -2.82 0.22 16.90
N TYR B 267 -2.99 -1.04 16.47
CA TYR B 267 -2.37 -2.22 17.07
C TYR B 267 -2.90 -2.48 18.49
N LYS B 268 -4.03 -1.86 18.83
CA LYS B 268 -4.61 -2.08 20.15
C LYS B 268 -5.42 -3.37 20.14
N PRO B 269 -5.33 -4.22 21.18
CA PRO B 269 -6.09 -5.46 21.18
C PRO B 269 -7.60 -5.23 21.17
N ILE B 270 -8.30 -6.11 20.48
CA ILE B 270 -9.76 -6.14 20.46
C ILE B 270 -10.26 -7.27 21.35
N ALA B 271 -9.76 -8.49 21.12
CA ALA B 271 -10.24 -9.67 21.84
C ALA B 271 -9.11 -10.68 22.00
N THR B 272 -9.18 -11.46 23.08
CA THR B 272 -8.34 -12.63 23.27
C THR B 272 -9.25 -13.85 23.29
N ILE B 273 -9.02 -14.77 22.35
CA ILE B 273 -9.88 -15.94 22.20
C ILE B 273 -9.12 -17.16 22.69
N ASP B 274 -9.56 -17.70 23.82
CA ASP B 274 -8.96 -18.89 24.41
C ASP B 274 -9.77 -20.10 23.98
N VAL B 275 -9.21 -20.85 23.04
CA VAL B 275 -9.87 -21.99 22.42
C VAL B 275 -9.76 -23.20 23.35
N LYS B 276 -8.75 -23.19 24.23
CA LYS B 276 -8.48 -24.28 25.18
C LYS B 276 -8.16 -25.57 24.44
N ARG B 277 -7.78 -25.42 23.17
CA ARG B 277 -7.27 -26.51 22.34
C ARG B 277 -6.15 -25.92 21.49
N ASN B 278 -5.09 -26.69 21.24
CA ASN B 278 -3.98 -26.17 20.46
C ASN B 278 -4.42 -25.95 19.02
N ILE B 279 -3.94 -24.83 18.45
CA ILE B 279 -4.33 -24.36 17.14
C ILE B 279 -3.24 -24.74 16.12
N PHE B 280 -3.68 -25.21 14.95
CA PHE B 280 -2.78 -25.53 13.86
C PHE B 280 -2.82 -24.47 12.77
N ASP B 281 -3.99 -23.84 12.56
CA ASP B 281 -4.16 -22.88 11.49
C ASP B 281 -5.48 -22.16 11.68
N LEU B 282 -5.63 -21.02 11.03
CA LEU B 282 -6.94 -20.39 10.93
C LEU B 282 -7.02 -19.58 9.64
N CYS B 283 -8.24 -19.36 9.20
CA CYS B 283 -8.49 -18.61 7.97
C CYS B 283 -9.88 -18.00 8.05
N THR B 284 -10.10 -16.95 7.25
CA THR B 284 -11.43 -16.37 7.09
C THR B 284 -11.80 -16.37 5.61
N ASP B 285 -13.10 -16.23 5.36
CA ASP B 285 -13.61 -16.10 4.01
C ASP B 285 -13.46 -14.66 3.53
N THR B 286 -13.72 -14.44 2.24
CA THR B 286 -13.47 -13.16 1.60
C THR B 286 -14.28 -12.05 2.28
N LYS B 287 -15.51 -12.36 2.71
CA LYS B 287 -16.39 -11.37 3.30
C LYS B 287 -16.21 -11.30 4.82
N ASP B 288 -15.31 -12.13 5.36
CA ASP B 288 -15.01 -12.14 6.79
C ASP B 288 -16.29 -12.34 7.60
N CYS B 289 -17.11 -13.27 7.13
CA CYS B 289 -18.26 -13.70 7.89
C CYS B 289 -17.93 -14.94 8.72
N TYR B 290 -16.93 -15.72 8.27
CA TYR B 290 -16.61 -17.00 8.89
C TYR B 290 -15.13 -17.06 9.22
N LEU B 291 -14.83 -17.75 10.33
CA LEU B 291 -13.48 -18.12 10.72
C LEU B 291 -13.44 -19.63 10.84
N ALA B 292 -12.45 -20.24 10.20
CA ALA B 292 -12.21 -21.66 10.38
C ALA B 292 -10.88 -21.83 11.12
N VAL B 293 -10.88 -22.70 12.13
CA VAL B 293 -9.72 -22.94 12.95
C VAL B 293 -9.46 -24.44 13.04
N ILE B 294 -8.22 -24.87 12.80
CA ILE B 294 -7.86 -26.25 13.06
C ILE B 294 -7.45 -26.37 14.52
N GLU B 295 -8.17 -27.22 15.26
CA GLU B 295 -8.04 -27.30 16.69
C GLU B 295 -7.84 -28.75 17.09
N ASN B 296 -6.92 -29.00 18.02
CA ASN B 296 -6.69 -30.35 18.52
C ASN B 296 -7.66 -30.65 19.65
N GLN B 297 -8.63 -31.54 19.37
N GLN B 297 -8.61 -31.55 19.42
CA GLN B 297 -9.62 -31.99 20.33
CA GLN B 297 -9.56 -31.90 20.47
C GLN B 297 -9.02 -33.04 21.27
C GLN B 297 -9.12 -33.17 21.18
N GLY B 298 -7.93 -33.67 20.83
CA GLY B 298 -7.40 -34.88 21.45
C GLY B 298 -6.33 -34.56 22.48
N SER B 299 -5.44 -35.53 22.69
CA SER B 299 -4.25 -35.37 23.54
C SER B 299 -4.68 -35.16 25.00
N MET B 305 -3.63 -37.28 19.08
CA MET B 305 -4.03 -36.04 18.36
C MET B 305 -5.32 -36.28 17.58
N ASP B 306 -6.16 -35.24 17.54
CA ASP B 306 -7.45 -35.31 16.86
C ASP B 306 -7.80 -33.90 16.39
N THR B 307 -7.24 -33.52 15.23
CA THR B 307 -7.29 -32.13 14.79
C THR B 307 -8.43 -31.95 13.80
N VAL B 308 -9.45 -31.24 14.28
CA VAL B 308 -10.68 -31.00 13.54
C VAL B 308 -10.68 -29.56 13.08
N CYS B 309 -11.60 -29.24 12.17
CA CYS B 309 -11.77 -27.87 11.72
C CYS B 309 -13.07 -27.32 12.29
N ARG B 310 -12.98 -26.36 13.22
CA ARG B 310 -14.17 -25.75 13.79
C ARG B 310 -14.46 -24.43 13.09
N LEU B 311 -15.72 -24.27 12.66
CA LEU B 311 -16.18 -23.09 11.95
C LEU B 311 -16.90 -22.17 12.93
N TYR B 312 -16.60 -20.88 12.82
CA TYR B 312 -17.16 -19.85 13.69
C TYR B 312 -17.76 -18.74 12.85
N GLU B 313 -18.85 -18.15 13.35
CA GLU B 313 -19.33 -16.88 12.85
C GLU B 313 -18.48 -15.76 13.45
N VAL B 314 -18.00 -14.86 12.59
CA VAL B 314 -17.29 -13.68 13.02
C VAL B 314 -18.30 -12.64 13.49
N GLY B 315 -18.16 -12.19 14.74
CA GLY B 315 -19.08 -11.23 15.32
C5 A1CI0 C . 0.28 16.66 -9.34
C6 A1CI0 C . 0.98 15.90 -10.44
C7 A1CI0 C . 0.37 15.78 -11.68
C8 A1CI0 C . 0.91 14.98 -12.65
C10 A1CI0 C . 2.08 14.29 -12.38
C13 A1CI0 C . 2.16 15.20 -10.20
C15 A1CI0 C . -1.17 16.43 -7.36
C20 A1CI0 C . -1.89 21.85 -11.50
C21 A1CI0 C . -2.06 23.18 -11.95
C22 A1CI0 C . -3.01 23.73 -12.70
C26 A1CI0 C . -4.04 26.87 -15.96
C1 A1CI0 C . -1.10 19.93 -10.60
C2 A1CI0 C . -0.17 18.96 -9.96
O3 A1CI0 C . 0.94 19.30 -9.59
N4 A1CI0 C . -0.59 17.72 -9.84
CL9 A1CI0 C . 0.19 14.92 -14.21
F11 A1CI0 C . 2.56 13.42 -13.32
C12 A1CI0 C . 2.71 14.39 -11.18
C14 A1CI0 C . -0.48 15.70 -8.48
O16 A1CI0 C . -0.50 17.06 -6.54
N17 A1CI0 C . -2.49 16.42 -7.38
C18 A1CI0 C . -2.34 19.69 -11.14
N19 A1CI0 C . -2.80 20.85 -11.70
C23 A1CI0 C . -2.99 25.15 -13.09
N24 A1CI0 C . -3.97 25.52 -13.91
C25 A1CI0 C . -4.07 26.88 -14.44
O30 A1CI0 C . -2.11 25.93 -12.71
C31 A1CI0 C . -0.80 21.31 -10.82
C32 A1CI0 C . 0.39 22.09 -10.49
C33 A1CI0 C . 0.72 22.42 -9.19
F34 A1CI0 C . -0.09 21.99 -8.20
C35 A1CI0 C . 1.83 23.14 -8.85
C36 A1CI0 C . 2.66 23.55 -9.88
CL37 A1CI0 C . 4.07 24.50 -9.51
C38 A1CI0 C . 2.39 23.25 -11.19
C39 A1CI0 C . 1.27 22.52 -11.49
C1 EDO D . 11.32 24.74 -3.04
O1 EDO D . 12.52 24.30 -2.53
C2 EDO D . 10.18 24.08 -2.47
O2 EDO D . 9.56 23.25 -3.32
UNK UNX E . 2.98 28.27 -9.82
C5 A1CI0 F . -1.46 -18.39 9.39
C6 A1CI0 F . -1.88 -17.90 10.76
C7 A1CI0 F . -2.35 -18.80 11.69
C8 A1CI0 F . -2.86 -18.36 12.89
C10 A1CI0 F . -2.89 -16.99 13.17
C13 A1CI0 F . -1.91 -16.54 11.06
C15 A1CI0 F . -2.18 -18.72 7.06
C20 A1CI0 F . 1.94 -23.31 10.19
C21 A1CI0 F . 3.02 -24.21 10.39
C22 A1CI0 F . 3.06 -25.46 10.74
C26 A1CI0 F . 5.32 -28.86 12.96
C1 A1CI0 F . 0.70 -21.46 9.76
C2 A1CI0 F . 0.33 -20.03 9.59
O3 A1CI0 F . 1.16 -19.16 9.62
N4 A1CI0 F . -0.96 -19.78 9.41
CL9 A1CI0 F . -3.41 -19.49 14.06
F11 A1CI0 F . -3.47 -16.56 14.31
C12 A1CI0 F . -2.41 -16.09 12.26
C14 A1CI0 F . -2.63 -18.28 8.43
O16 A1CI0 F . -1.23 -18.15 6.51
N17 A1CI0 F . -2.77 -19.80 6.57
C18 A1CI0 F . -0.13 -22.54 9.90
N19 A1CI0 F . 0.61 -23.64 10.17
C23 A1CI0 F . 4.32 -26.21 10.89
N24 A1CI0 F . 4.18 -27.48 11.28
C25 A1CI0 F . 5.32 -28.36 11.52
O30 A1CI0 F . 5.46 -25.69 10.70
C31 A1CI0 F . 2.04 -21.95 9.95
C32 A1CI0 F . 3.31 -21.22 9.95
C33 A1CI0 F . 3.84 -20.66 8.80
F34 A1CI0 F . 3.16 -20.81 7.65
C35 A1CI0 F . 5.03 -19.99 8.77
C36 A1CI0 F . 5.72 -19.89 9.95
CL37 A1CI0 F . 7.22 -19.01 9.98
C38 A1CI0 F . 5.26 -20.43 11.12
C39 A1CI0 F . 4.05 -21.09 11.12
C3 A1CI0 F . 4.90 -27.82 13.96
C1 EDO G . -5.04 -1.77 6.08
O1 EDO G . -5.55 -1.09 7.22
C2 EDO G . -5.47 -1.15 4.80
O2 EDO G . -5.67 -2.10 3.76
UNK UNX H . 9.94 -22.11 9.32
#